data_7K1L
#
_entry.id   7K1L
#
_cell.length_a   150.832
_cell.length_b   150.832
_cell.length_c   110.734
_cell.angle_alpha   90.000
_cell.angle_beta   90.000
_cell.angle_gamma   120.000
#
_symmetry.space_group_name_H-M   'P 63'
#
loop_
_entity.id
_entity.type
_entity.pdbx_description
1 polymer 'Uridylate-specific endoribonuclease'
2 non-polymer "URIDINE-2',3'-VANADATE"
3 non-polymer 'ACETATE ION'
4 non-polymer 1,2-ETHANEDIOL
5 non-polymer 'SULFATE ION'
6 water water
#
_entity_poly.entity_id   1
_entity_poly.type   'polypeptide(L)'
_entity_poly.pdbx_seq_one_letter_code
;MHHHHHHSSGVDLGTENLYFQSNMSLENVAFNVVNKGHFDGQQGEVPVSIINNTVYTKVDGVDVELFENKTTLPVNVAFE
LWAKRNIKPVPEVKILNNLGVDIAANTVIWDYKRDAPAHISTIGVCSMTDIAKKPTETICAPLTVFFDGRVDGQVDLFRN
ARNGVLITEGSVKGLQPSVGPKQASLNGVTLIGEAVKTQFNYYKKVDGVVQQLPETYFTQSRNLQEFKPRSQMEIDFLEL
AMDEFIERYKLEGYAFEHIVYGDFSHSQLGGLHLLIGLAKRFKESPFELEDFIPMDSTVKNYFITDAQTGSSKCVCSVID
LLLDDFVEIIKSQDLSVVSKVVKVTIDYTEISFMLWCKDGHVETFYPKLQ
;
_entity_poly.pdbx_strand_id   A,B
#
# COMPACT_ATOMS: atom_id res chain seq x y z
N ASN A 23 -24.55 -0.09 -0.55
CA ASN A 23 -23.35 0.48 -1.17
C ASN A 23 -22.45 -0.61 -1.73
N MET A 24 -21.27 -0.76 -1.15
CA MET A 24 -20.31 -1.74 -1.64
C MET A 24 -20.74 -3.16 -1.26
N SER A 25 -20.43 -4.10 -2.15
CA SER A 25 -20.71 -5.52 -1.93
C SER A 25 -20.01 -6.37 -2.98
N LEU A 26 -19.29 -7.40 -2.54
CA LEU A 26 -18.67 -8.31 -3.49
C LEU A 26 -19.71 -8.97 -4.39
N GLU A 27 -20.79 -9.47 -3.79
CA GLU A 27 -21.84 -10.13 -4.56
C GLU A 27 -22.54 -9.15 -5.49
N ASN A 28 -22.66 -7.88 -5.09
CA ASN A 28 -23.28 -6.91 -5.96
C ASN A 28 -22.37 -6.55 -7.13
N VAL A 29 -21.06 -6.49 -6.89
CA VAL A 29 -20.11 -6.22 -7.97
C VAL A 29 -20.20 -7.32 -9.02
N ALA A 30 -20.24 -8.57 -8.59
CA ALA A 30 -20.35 -9.67 -9.53
C ALA A 30 -21.68 -9.66 -10.26
N PHE A 31 -22.75 -9.17 -9.62
CA PHE A 31 -24.03 -9.03 -10.31
C PHE A 31 -23.89 -8.11 -11.51
N ASN A 32 -23.21 -6.98 -11.35
CA ASN A 32 -23.04 -6.04 -12.45
C ASN A 32 -22.21 -6.66 -13.57
N VAL A 33 -21.13 -7.34 -13.21
CA VAL A 33 -20.27 -7.96 -14.21
C VAL A 33 -21.07 -8.97 -15.02
N VAL A 34 -21.87 -9.79 -14.34
CA VAL A 34 -22.65 -10.82 -15.03
C VAL A 34 -23.69 -10.17 -15.94
N ASN A 35 -24.36 -9.13 -15.46
CA ASN A 35 -25.48 -8.57 -16.19
C ASN A 35 -25.09 -7.42 -17.11
N LYS A 36 -24.07 -6.65 -16.77
CA LYS A 36 -23.69 -5.48 -17.54
C LYS A 36 -22.30 -5.56 -18.14
N GLY A 37 -21.59 -6.67 -17.94
CA GLY A 37 -20.22 -6.78 -18.40
C GLY A 37 -19.21 -6.01 -17.58
N HIS A 38 -19.65 -5.09 -16.73
CA HIS A 38 -18.79 -4.32 -15.85
C HIS A 38 -19.65 -3.77 -14.73
N PHE A 39 -19.04 -2.97 -13.86
CA PHE A 39 -19.79 -2.35 -12.78
C PHE A 39 -20.54 -1.14 -13.34
N ASP A 40 -21.88 -1.17 -13.23
CA ASP A 40 -22.73 -0.10 -13.73
C ASP A 40 -23.64 0.45 -12.64
N GLY A 41 -23.29 0.21 -11.37
CA GLY A 41 -24.06 0.74 -10.27
C GLY A 41 -25.45 0.17 -10.12
N GLN A 42 -25.70 -1.02 -10.67
CA GLN A 42 -27.02 -1.63 -10.61
C GLN A 42 -27.18 -2.44 -9.32
N GLN A 43 -28.44 -2.60 -8.91
CA GLN A 43 -28.77 -3.33 -7.70
C GLN A 43 -29.02 -4.80 -8.01
N GLY A 44 -28.53 -5.67 -7.14
CA GLY A 44 -28.66 -7.10 -7.32
C GLY A 44 -27.45 -7.83 -6.78
N GLU A 45 -27.62 -9.13 -6.57
CA GLU A 45 -26.56 -9.97 -6.05
C GLU A 45 -26.59 -11.34 -6.70
N VAL A 46 -25.41 -11.94 -6.82
CA VAL A 46 -25.26 -13.30 -7.33
C VAL A 46 -24.33 -14.05 -6.38
N PRO A 47 -24.44 -15.37 -6.27
CA PRO A 47 -23.54 -16.10 -5.36
C PRO A 47 -22.16 -16.28 -5.98
N VAL A 48 -21.13 -16.07 -5.15
CA VAL A 48 -19.74 -16.11 -5.60
C VAL A 48 -18.94 -17.04 -4.70
N SER A 49 -17.87 -17.58 -5.27
CA SER A 49 -16.92 -18.42 -4.54
C SER A 49 -15.52 -17.91 -4.80
N ILE A 50 -14.70 -17.89 -3.75
CA ILE A 50 -13.31 -17.48 -3.85
C ILE A 50 -12.43 -18.69 -3.59
N ILE A 51 -11.77 -19.18 -4.62
CA ILE A 51 -10.82 -20.27 -4.52
C ILE A 51 -9.52 -19.83 -5.19
N ASN A 52 -8.44 -19.82 -4.41
CA ASN A 52 -7.11 -19.38 -4.87
C ASN A 52 -7.23 -17.92 -5.31
N ASN A 53 -6.66 -17.54 -6.45
CA ASN A 53 -6.76 -16.18 -6.98
C ASN A 53 -7.82 -16.08 -8.07
N THR A 54 -8.95 -16.75 -7.89
CA THR A 54 -9.98 -16.82 -8.91
C THR A 54 -11.34 -16.57 -8.29
N VAL A 55 -12.22 -15.89 -9.02
CA VAL A 55 -13.58 -15.60 -8.60
C VAL A 55 -14.54 -16.40 -9.47
N TYR A 56 -15.40 -17.19 -8.83
CA TYR A 56 -16.40 -17.98 -9.51
C TYR A 56 -17.80 -17.51 -9.12
N THR A 57 -18.78 -17.89 -9.93
CA THR A 57 -20.18 -17.67 -9.61
C THR A 57 -20.98 -18.89 -10.03
N LYS A 58 -22.09 -19.13 -9.33
CA LYS A 58 -22.94 -20.27 -9.61
C LYS A 58 -23.95 -19.93 -10.69
N VAL A 59 -24.02 -20.77 -11.72
CA VAL A 59 -24.97 -20.61 -12.81
C VAL A 59 -25.60 -21.98 -13.05
N ASP A 60 -26.88 -22.11 -12.68
CA ASP A 60 -27.61 -23.38 -12.81
C ASP A 60 -26.89 -24.50 -12.08
N GLY A 61 -26.35 -24.20 -10.91
CA GLY A 61 -25.75 -25.21 -10.06
C GLY A 61 -24.27 -25.48 -10.30
N VAL A 62 -23.66 -24.87 -11.30
CA VAL A 62 -22.24 -25.06 -11.56
C VAL A 62 -21.52 -23.72 -11.42
N ASP A 63 -20.24 -23.80 -11.08
CA ASP A 63 -19.43 -22.60 -10.89
C ASP A 63 -18.76 -22.20 -12.19
N VAL A 64 -18.80 -20.89 -12.49
CA VAL A 64 -18.22 -20.34 -13.70
C VAL A 64 -17.20 -19.28 -13.31
N GLU A 65 -16.00 -19.39 -13.88
CA GLU A 65 -14.94 -18.45 -13.56
C GLU A 65 -15.25 -17.07 -14.11
N LEU A 66 -15.13 -16.06 -13.27
CA LEU A 66 -15.36 -14.67 -13.69
C LEU A 66 -14.09 -13.86 -13.80
N PHE A 67 -13.06 -14.20 -13.03
CA PHE A 67 -11.88 -13.36 -12.91
C PHE A 67 -10.76 -14.14 -12.26
N GLU A 68 -9.57 -14.05 -12.83
CA GLU A 68 -8.36 -14.64 -12.25
C GLU A 68 -7.41 -13.52 -11.88
N ASN A 69 -7.10 -13.42 -10.59
CA ASN A 69 -6.27 -12.34 -10.08
C ASN A 69 -4.82 -12.55 -10.49
N LYS A 70 -4.33 -11.70 -11.40
CA LYS A 70 -2.93 -11.70 -11.79
C LYS A 70 -2.15 -10.55 -11.15
N THR A 71 -2.71 -9.93 -10.12
CA THR A 71 -2.11 -8.78 -9.47
C THR A 71 -1.54 -9.17 -8.11
N THR A 72 -0.88 -8.21 -7.48
CA THR A 72 -0.31 -8.37 -6.15
C THR A 72 -1.31 -7.99 -5.05
N LEU A 73 -2.53 -7.66 -5.42
CA LEU A 73 -3.56 -7.27 -4.48
C LEU A 73 -4.42 -8.47 -4.11
N PRO A 74 -5.17 -8.39 -3.02
CA PRO A 74 -6.14 -9.45 -2.70
C PRO A 74 -7.11 -9.67 -3.85
N VAL A 75 -7.56 -10.91 -3.98
CA VAL A 75 -8.35 -11.30 -5.14
C VAL A 75 -9.67 -10.52 -5.19
N ASN A 76 -10.33 -10.35 -4.04
CA ASN A 76 -11.61 -9.65 -4.03
C ASN A 76 -11.42 -8.16 -4.30
N VAL A 77 -10.33 -7.58 -3.84
CA VAL A 77 -10.07 -6.18 -4.08
C VAL A 77 -9.74 -5.95 -5.56
N ALA A 78 -8.78 -6.73 -6.08
CA ALA A 78 -8.41 -6.60 -7.48
C ALA A 78 -9.60 -6.85 -8.39
N PHE A 79 -10.46 -7.79 -8.01
CA PHE A 79 -11.67 -8.04 -8.79
C PHE A 79 -12.57 -6.81 -8.83
N GLU A 80 -12.69 -6.11 -7.71
CA GLU A 80 -13.52 -4.92 -7.65
C GLU A 80 -12.97 -3.81 -8.54
N LEU A 81 -11.66 -3.59 -8.50
CA LEU A 81 -11.06 -2.53 -9.30
C LEU A 81 -11.17 -2.84 -10.79
N TRP A 82 -11.00 -4.11 -11.16
CA TRP A 82 -11.12 -4.47 -12.57
C TRP A 82 -12.53 -4.24 -13.09
N ALA A 83 -13.53 -4.54 -12.26
CA ALA A 83 -14.91 -4.30 -12.67
C ALA A 83 -15.18 -2.81 -12.82
N LYS A 84 -14.56 -1.98 -11.97
CA LYS A 84 -14.74 -0.55 -12.00
C LYS A 84 -13.71 0.16 -12.88
N ARG A 85 -13.01 -0.59 -13.74
CA ARG A 85 -12.02 0.01 -14.62
C ARG A 85 -12.69 0.99 -15.57
N ASN A 86 -11.88 1.89 -16.12
CA ASN A 86 -12.38 2.86 -17.08
C ASN A 86 -12.58 2.18 -18.44
N ILE A 87 -13.78 2.29 -18.98
CA ILE A 87 -14.11 1.65 -20.25
C ILE A 87 -14.25 2.69 -21.37
N LYS A 88 -13.68 3.86 -21.20
CA LYS A 88 -13.62 4.88 -22.23
C LYS A 88 -12.20 4.97 -22.78
N PRO A 89 -12.03 5.60 -23.95
CA PRO A 89 -10.66 5.79 -24.48
C PRO A 89 -9.80 6.57 -23.49
N VAL A 90 -8.72 5.94 -23.04
CA VAL A 90 -7.83 6.52 -22.05
C VAL A 90 -6.42 6.53 -22.62
N PRO A 91 -5.56 7.43 -22.14
CA PRO A 91 -4.16 7.39 -22.58
C PRO A 91 -3.49 6.09 -22.17
N GLU A 92 -2.50 5.69 -22.96
CA GLU A 92 -1.75 4.50 -22.62
C GLU A 92 -0.93 4.73 -21.35
N VAL A 93 -0.67 3.64 -20.63
CA VAL A 93 -0.07 3.76 -19.30
C VAL A 93 1.31 4.39 -19.39
N LYS A 94 2.07 4.06 -20.44
CA LYS A 94 3.40 4.65 -20.60
C LYS A 94 3.32 6.17 -20.66
N ILE A 95 2.29 6.71 -21.29
CA ILE A 95 2.09 8.16 -21.30
C ILE A 95 1.90 8.68 -19.89
N LEU A 96 1.01 8.04 -19.13
CA LEU A 96 0.76 8.47 -17.76
C LEU A 96 1.99 8.30 -16.88
N ASN A 97 2.77 7.25 -17.13
CA ASN A 97 3.99 7.04 -16.35
C ASN A 97 5.02 8.13 -16.63
N ASN A 98 5.21 8.46 -17.91
CA ASN A 98 6.18 9.49 -18.27
C ASN A 98 5.78 10.85 -17.73
N LEU A 99 4.50 11.07 -17.46
CA LEU A 99 4.02 12.32 -16.88
C LEU A 99 4.00 12.29 -15.37
N GLY A 100 4.37 11.16 -14.75
CA GLY A 100 4.43 11.09 -13.31
C GLY A 100 3.09 10.97 -12.62
N VAL A 101 2.08 10.44 -13.30
CA VAL A 101 0.76 10.27 -12.69
C VAL A 101 0.87 9.22 -11.58
N ASP A 102 0.48 9.61 -10.37
CA ASP A 102 0.50 8.70 -9.24
C ASP A 102 -0.84 8.06 -8.96
N ILE A 103 -1.94 8.71 -9.32
CA ILE A 103 -3.28 8.25 -8.97
C ILE A 103 -4.27 8.95 -9.88
N ALA A 104 -5.42 8.32 -10.08
CA ALA A 104 -6.50 8.86 -10.90
C ALA A 104 -7.64 9.32 -10.02
N ALA A 105 -8.42 10.27 -10.52
CA ALA A 105 -9.51 10.88 -9.76
C ALA A 105 -10.81 10.15 -10.07
N ASN A 106 -11.30 9.38 -9.10
CA ASN A 106 -12.62 8.76 -9.15
C ASN A 106 -12.79 7.86 -10.37
N THR A 107 -11.72 7.12 -10.70
CA THR A 107 -11.76 6.12 -11.76
C THR A 107 -10.58 5.19 -11.57
N VAL A 108 -10.58 4.10 -12.33
CA VAL A 108 -9.52 3.10 -12.29
C VAL A 108 -8.97 2.93 -13.70
N ILE A 109 -7.68 3.15 -13.85
CA ILE A 109 -6.98 2.89 -15.10
C ILE A 109 -6.39 1.48 -15.02
N TRP A 110 -6.84 0.60 -15.91
CA TRP A 110 -6.40 -0.78 -15.91
C TRP A 110 -5.25 -0.95 -16.88
N ASP A 111 -4.12 -1.46 -16.39
CA ASP A 111 -2.96 -1.73 -17.22
C ASP A 111 -3.13 -3.13 -17.82
N TYR A 112 -3.49 -3.20 -19.10
CA TYR A 112 -3.67 -4.49 -19.73
C TYR A 112 -2.35 -5.17 -20.04
N LYS A 113 -1.28 -4.39 -20.18
CA LYS A 113 0.04 -4.99 -20.34
C LYS A 113 0.45 -5.77 -19.10
N ARG A 114 0.11 -5.25 -17.93
CA ARG A 114 0.41 -5.92 -16.66
C ARG A 114 -0.78 -6.68 -16.09
N ASP A 115 -1.97 -6.55 -16.70
CA ASP A 115 -3.19 -7.19 -16.19
C ASP A 115 -3.44 -6.81 -14.73
N ALA A 116 -3.26 -5.54 -14.42
CA ALA A 116 -3.29 -5.05 -13.05
C ALA A 116 -3.64 -3.57 -13.08
N PRO A 117 -4.07 -3.00 -11.96
CA PRO A 117 -4.33 -1.56 -11.93
C PRO A 117 -3.05 -0.77 -12.20
N ALA A 118 -3.20 0.36 -12.89
CA ALA A 118 -2.04 1.19 -13.18
C ALA A 118 -1.53 1.93 -11.96
N HIS A 119 -2.34 2.06 -10.91
CA HIS A 119 -1.95 2.81 -9.72
C HIS A 119 -2.34 2.03 -8.48
N ILE A 120 -1.60 2.28 -7.39
CA ILE A 120 -1.77 1.50 -6.17
C ILE A 120 -3.06 1.87 -5.46
N SER A 121 -3.25 3.15 -5.18
CA SER A 121 -4.40 3.62 -4.42
C SER A 121 -5.45 4.20 -5.36
N THR A 122 -6.61 4.53 -4.77
CA THR A 122 -7.73 5.07 -5.52
C THR A 122 -8.34 6.23 -4.73
N ILE A 123 -9.21 6.98 -5.41
CA ILE A 123 -9.94 8.09 -4.82
C ILE A 123 -11.42 7.85 -5.09
N GLY A 124 -12.17 7.52 -4.04
CA GLY A 124 -13.61 7.33 -4.17
C GLY A 124 -14.00 6.23 -5.12
N VAL A 125 -13.33 5.08 -5.04
CA VAL A 125 -13.64 3.95 -5.91
C VAL A 125 -13.87 2.70 -5.08
N CYS A 126 -12.84 2.27 -4.34
CA CYS A 126 -12.90 1.06 -3.55
C CYS A 126 -12.45 1.38 -2.13
N SER A 127 -13.24 0.94 -1.15
CA SER A 127 -12.95 1.26 0.24
C SER A 127 -11.57 0.74 0.66
N MET A 128 -11.19 -0.44 0.18
CA MET A 128 -9.92 -1.02 0.58
C MET A 128 -8.73 -0.24 0.03
N THR A 129 -8.89 0.40 -1.12
CA THR A 129 -7.80 1.15 -1.74
C THR A 129 -7.98 2.66 -1.69
N ASP A 130 -9.14 3.14 -1.26
CA ASP A 130 -9.38 4.57 -1.23
C ASP A 130 -8.49 5.25 -0.20
N ILE A 131 -7.74 6.26 -0.65
CA ILE A 131 -7.10 7.20 0.27
C ILE A 131 -7.96 8.42 0.51
N ALA A 132 -8.99 8.64 -0.32
CA ALA A 132 -9.85 9.80 -0.20
C ALA A 132 -11.11 9.56 -0.99
N LYS A 133 -12.14 10.37 -0.70
CA LYS A 133 -13.38 10.32 -1.46
C LYS A 133 -13.35 11.29 -2.65
N LYS A 134 -12.75 12.45 -2.47
CA LYS A 134 -12.60 13.46 -3.51
C LYS A 134 -11.14 13.89 -3.58
N PRO A 135 -10.69 14.35 -4.76
CA PRO A 135 -9.33 14.92 -4.84
C PRO A 135 -9.18 16.24 -4.12
N THR A 136 -10.27 16.87 -3.70
CA THR A 136 -10.19 18.10 -2.92
C THR A 136 -9.59 17.88 -1.54
N GLU A 137 -9.53 16.62 -1.10
CA GLU A 137 -9.10 16.34 0.26
C GLU A 137 -7.59 16.57 0.41
N THR A 138 -7.18 16.80 1.66
CA THR A 138 -5.81 17.22 1.94
C THR A 138 -4.79 16.14 1.59
N ILE A 139 -5.20 14.86 1.54
CA ILE A 139 -4.26 13.79 1.27
C ILE A 139 -3.82 13.77 -0.19
N CYS A 140 -4.54 14.46 -1.07
CA CYS A 140 -4.29 14.39 -2.50
C CYS A 140 -3.41 15.52 -3.03
N ALA A 141 -3.10 16.52 -2.21
CA ALA A 141 -2.34 17.67 -2.69
C ALA A 141 -0.96 17.30 -3.24
N PRO A 142 -0.12 16.52 -2.53
CA PRO A 142 1.21 16.25 -3.09
C PRO A 142 1.19 15.32 -4.29
N LEU A 143 0.18 14.45 -4.39
CA LEU A 143 0.14 13.48 -5.48
C LEU A 143 -0.21 14.17 -6.80
N THR A 144 0.24 13.55 -7.89
CA THR A 144 -0.13 13.99 -9.23
C THR A 144 -1.39 13.24 -9.63
N VAL A 145 -2.52 13.89 -9.51
CA VAL A 145 -3.82 13.28 -9.76
C VAL A 145 -4.17 13.45 -11.24
N PHE A 146 -4.68 12.40 -11.85
CA PHE A 146 -5.11 12.45 -13.24
C PHE A 146 -6.58 12.85 -13.30
N PHE A 147 -6.87 13.90 -14.07
CA PHE A 147 -8.22 14.41 -14.23
C PHE A 147 -8.67 14.22 -15.68
N ASP A 148 -9.95 13.86 -15.85
CA ASP A 148 -10.54 13.65 -17.17
C ASP A 148 -11.51 14.79 -17.43
N GLY A 149 -11.15 15.68 -18.36
CA GLY A 149 -12.00 16.82 -18.68
C GLY A 149 -13.35 16.43 -19.25
N ARG A 150 -13.47 15.21 -19.78
CA ARG A 150 -14.76 14.74 -20.28
C ARG A 150 -15.76 14.53 -19.16
N VAL A 151 -15.30 14.39 -17.93
CA VAL A 151 -16.17 14.26 -16.77
C VAL A 151 -16.51 15.65 -16.25
N ASP A 152 -17.78 15.85 -15.88
CA ASP A 152 -18.22 17.16 -15.41
C ASP A 152 -17.52 17.54 -14.12
N GLY A 153 -17.10 18.79 -14.03
CA GLY A 153 -16.48 19.32 -12.83
C GLY A 153 -15.03 18.96 -12.63
N GLN A 154 -14.46 18.11 -13.48
CA GLN A 154 -13.08 17.70 -13.28
C GLN A 154 -12.07 18.73 -13.80
N VAL A 155 -12.49 19.60 -14.72
CA VAL A 155 -11.60 20.66 -15.17
C VAL A 155 -11.32 21.64 -14.03
N ASP A 156 -12.36 22.01 -13.28
CA ASP A 156 -12.17 22.94 -12.17
C ASP A 156 -11.45 22.28 -11.01
N LEU A 157 -11.67 20.97 -10.80
CA LEU A 157 -10.89 20.24 -9.80
C LEU A 157 -9.41 20.32 -10.09
N PHE A 158 -9.05 20.20 -11.37
CA PHE A 158 -7.66 20.38 -11.79
C PHE A 158 -7.19 21.81 -11.53
N ARG A 159 -8.07 22.79 -11.71
CA ARG A 159 -7.69 24.18 -11.43
C ARG A 159 -7.40 24.39 -9.96
N ASN A 160 -7.98 23.57 -9.08
CA ASN A 160 -7.75 23.68 -7.65
C ASN A 160 -6.73 22.67 -7.13
N ALA A 161 -6.32 21.71 -7.95
CA ALA A 161 -5.35 20.73 -7.51
C ALA A 161 -3.94 21.32 -7.52
N ARG A 162 -3.13 20.86 -6.57
CA ARG A 162 -1.74 21.34 -6.50
C ARG A 162 -0.90 20.72 -7.60
N ASN A 163 -0.92 19.39 -7.72
CA ASN A 163 -0.22 18.67 -8.78
C ASN A 163 -1.23 17.77 -9.49
N GLY A 164 -1.26 17.84 -10.82
CA GLY A 164 -2.21 17.05 -11.56
C GLY A 164 -1.95 17.07 -13.04
N VAL A 165 -2.63 16.15 -13.74
CA VAL A 165 -2.59 16.04 -15.18
C VAL A 165 -4.02 15.99 -15.70
N LEU A 166 -4.27 16.67 -16.82
CA LEU A 166 -5.61 16.81 -17.36
C LEU A 166 -5.62 16.52 -18.85
N ILE A 167 -6.70 15.90 -19.33
CA ILE A 167 -6.91 15.67 -20.75
C ILE A 167 -8.29 16.20 -21.13
N THR A 168 -8.38 16.80 -22.32
CA THR A 168 -9.63 17.33 -22.84
C THR A 168 -9.72 17.00 -24.33
N GLU A 169 -10.92 17.17 -24.88
CA GLU A 169 -11.11 17.02 -26.32
C GLU A 169 -10.94 18.35 -27.05
N GLY A 170 -11.48 19.43 -26.49
CA GLY A 170 -11.41 20.73 -27.08
C GLY A 170 -10.54 21.69 -26.28
N SER A 171 -10.71 22.98 -26.56
CA SER A 171 -9.89 24.00 -25.93
C SER A 171 -10.34 24.24 -24.49
N VAL A 172 -9.43 24.80 -23.69
CA VAL A 172 -9.70 25.18 -22.31
C VAL A 172 -9.27 26.63 -22.14
N LYS A 173 -10.17 27.46 -21.62
CA LYS A 173 -9.89 28.88 -21.46
C LYS A 173 -8.81 29.10 -20.41
N GLY A 174 -7.84 29.95 -20.76
CA GLY A 174 -6.76 30.28 -19.84
C GLY A 174 -5.64 29.29 -19.77
N LEU A 175 -5.66 28.24 -20.59
CA LEU A 175 -4.65 27.20 -20.56
C LEU A 175 -4.20 26.89 -21.98
N GLN A 176 -2.90 27.03 -22.23
CA GLN A 176 -2.31 26.69 -23.52
C GLN A 176 -2.12 25.18 -23.60
N PRO A 177 -2.81 24.51 -24.51
CA PRO A 177 -2.82 23.05 -24.51
C PRO A 177 -1.58 22.44 -25.15
N SER A 178 -1.39 21.15 -24.86
CA SER A 178 -0.38 20.33 -25.50
C SER A 178 -1.07 19.13 -26.12
N VAL A 179 -0.94 18.98 -27.43
CA VAL A 179 -1.64 17.95 -28.17
C VAL A 179 -0.94 16.60 -27.97
N GLY A 180 -1.72 15.57 -27.68
CA GLY A 180 -1.17 14.25 -27.47
C GLY A 180 -1.12 13.43 -28.74
N PRO A 181 -0.94 12.12 -28.60
CA PRO A 181 -0.85 11.24 -29.78
C PRO A 181 -2.22 10.90 -30.32
N LYS A 182 -2.22 10.39 -31.55
CA LYS A 182 -3.47 10.01 -32.22
C LYS A 182 -4.14 8.80 -31.59
N GLN A 183 -3.39 7.93 -30.93
CA GLN A 183 -3.94 6.67 -30.44
C GLN A 183 -4.23 6.74 -28.94
N ALA A 184 -5.23 5.97 -28.51
CA ALA A 184 -5.54 5.79 -27.10
C ALA A 184 -5.97 4.35 -26.88
N SER A 185 -5.99 3.96 -25.60
CA SER A 185 -6.34 2.59 -25.22
C SER A 185 -7.81 2.52 -24.83
N LEU A 186 -8.54 1.62 -25.49
CA LEU A 186 -9.95 1.38 -25.18
C LEU A 186 -10.10 -0.11 -24.88
N ASN A 187 -10.28 -0.44 -23.59
CA ASN A 187 -10.41 -1.84 -23.16
C ASN A 187 -9.20 -2.66 -23.57
N GLY A 188 -8.01 -2.11 -23.38
CA GLY A 188 -6.78 -2.76 -23.77
C GLY A 188 -6.48 -2.69 -25.25
N VAL A 189 -7.34 -2.09 -26.05
CA VAL A 189 -7.15 -1.97 -27.49
C VAL A 189 -6.63 -0.57 -27.77
N THR A 190 -5.38 -0.47 -28.21
CA THR A 190 -4.82 0.79 -28.65
C THR A 190 -5.23 1.05 -30.09
N LEU A 191 -5.82 2.21 -30.35
CA LEU A 191 -6.36 2.48 -31.67
C LEU A 191 -6.49 3.98 -31.87
N ILE A 192 -6.56 4.37 -33.15
CA ILE A 192 -6.87 5.74 -33.54
C ILE A 192 -8.36 5.78 -33.83
N GLY A 193 -9.10 6.46 -32.95
CA GLY A 193 -10.55 6.38 -33.00
C GLY A 193 -11.13 7.03 -34.24
N GLU A 194 -12.15 6.38 -34.80
CA GLU A 194 -12.92 6.92 -35.90
C GLU A 194 -14.38 7.17 -35.56
N ALA A 195 -14.96 6.37 -34.67
CA ALA A 195 -16.27 6.64 -34.11
C ALA A 195 -16.18 7.32 -32.74
N VAL A 196 -14.97 7.50 -32.22
CA VAL A 196 -14.74 8.16 -30.94
C VAL A 196 -13.40 8.88 -31.03
N LYS A 197 -13.25 9.93 -30.23
CA LYS A 197 -12.02 10.72 -30.23
C LYS A 197 -10.98 10.07 -29.32
N THR A 198 -9.77 9.93 -29.84
CA THR A 198 -8.67 9.37 -29.08
C THR A 198 -7.50 10.33 -28.87
N GLN A 199 -7.47 11.45 -29.59
CA GLN A 199 -6.42 12.45 -29.43
C GLN A 199 -6.91 13.55 -28.49
N PHE A 200 -6.13 13.81 -27.44
CA PHE A 200 -6.53 14.74 -26.40
C PHE A 200 -5.57 15.92 -26.30
N ASN A 201 -6.03 16.97 -25.65
CA ASN A 201 -5.17 18.05 -25.19
C ASN A 201 -4.66 17.70 -23.80
N TYR A 202 -3.39 18.01 -23.54
CA TYR A 202 -2.75 17.65 -22.29
C TYR A 202 -2.38 18.90 -21.50
N TYR A 203 -2.52 18.80 -20.18
CA TYR A 203 -2.21 19.89 -19.26
C TYR A 203 -1.64 19.30 -17.98
N LYS A 204 -0.72 20.03 -17.36
CA LYS A 204 -0.08 19.54 -16.15
C LYS A 204 0.26 20.70 -15.23
N LYS A 205 -0.02 20.50 -13.93
CA LYS A 205 0.33 21.45 -12.88
C LYS A 205 1.28 20.79 -11.91
N VAL A 206 2.28 21.54 -11.46
CA VAL A 206 3.22 21.08 -10.44
C VAL A 206 3.28 22.16 -9.36
N ASP A 207 2.92 21.78 -8.13
CA ASP A 207 2.91 22.69 -6.99
C ASP A 207 2.08 23.93 -7.28
N GLY A 208 0.85 23.70 -7.75
CA GLY A 208 -0.06 24.76 -8.08
C GLY A 208 0.31 25.60 -9.29
N VAL A 209 1.41 25.28 -9.97
CA VAL A 209 1.89 26.05 -11.10
C VAL A 209 1.69 25.23 -12.36
N VAL A 210 0.96 25.80 -13.33
CA VAL A 210 0.78 25.13 -14.61
C VAL A 210 2.13 24.99 -15.29
N GLN A 211 2.37 23.81 -15.88
CA GLN A 211 3.63 23.51 -16.51
C GLN A 211 3.51 23.61 -18.02
N GLN A 212 4.61 24.00 -18.66
CA GLN A 212 4.70 24.06 -20.11
C GLN A 212 5.29 22.75 -20.61
N LEU A 213 4.45 21.92 -21.23
CA LEU A 213 4.89 20.60 -21.64
C LEU A 213 5.86 20.70 -22.83
N PRO A 214 6.90 19.88 -22.86
CA PRO A 214 7.96 20.05 -23.87
C PRO A 214 7.57 19.44 -25.21
N GLU A 215 8.31 19.86 -26.24
CA GLU A 215 8.22 19.22 -27.54
C GLU A 215 8.59 17.75 -27.42
N THR A 216 7.71 16.88 -27.93
CA THR A 216 7.93 15.44 -27.80
C THR A 216 7.53 14.73 -29.08
N TYR A 217 8.24 13.65 -29.37
CA TYR A 217 7.76 12.67 -30.33
C TYR A 217 6.80 11.72 -29.65
N PHE A 218 6.11 10.91 -30.45
CA PHE A 218 5.17 9.92 -29.93
C PHE A 218 5.41 8.58 -30.61
N THR A 219 5.47 7.53 -29.80
CA THR A 219 5.52 6.18 -30.34
C THR A 219 4.15 5.81 -30.93
N GLN A 220 4.16 4.81 -31.81
CA GLN A 220 2.97 4.46 -32.57
C GLN A 220 2.17 3.33 -31.94
N SER A 221 2.75 2.58 -30.98
CA SER A 221 2.03 1.57 -30.22
C SER A 221 1.46 0.46 -31.12
N ARG A 222 2.17 0.12 -32.18
CA ARG A 222 1.74 -0.95 -33.07
C ARG A 222 2.35 -2.28 -32.62
N ASN A 223 1.88 -3.37 -33.23
CA ASN A 223 2.41 -4.69 -32.96
C ASN A 223 2.66 -5.41 -34.27
N LEU A 224 3.36 -6.55 -34.18
CA LEU A 224 3.84 -7.23 -35.36
C LEU A 224 2.71 -7.90 -36.13
N GLN A 225 1.79 -8.55 -35.42
CA GLN A 225 0.75 -9.33 -36.10
C GLN A 225 -0.15 -8.45 -36.94
N GLU A 226 -0.35 -7.19 -36.55
CA GLU A 226 -1.30 -6.31 -37.22
C GLU A 226 -0.64 -4.99 -37.63
N PHE A 227 0.63 -5.05 -38.02
CA PHE A 227 1.35 -3.82 -38.35
C PHE A 227 0.84 -3.25 -39.67
N LYS A 228 0.60 -1.94 -39.70
CA LYS A 228 0.17 -1.24 -40.88
C LYS A 228 1.01 0.01 -41.04
N PRO A 229 1.51 0.32 -42.24
CA PRO A 229 2.31 1.53 -42.42
C PRO A 229 1.45 2.77 -42.31
N ARG A 230 2.07 3.85 -41.82
CA ARG A 230 1.38 5.11 -41.62
C ARG A 230 2.04 6.27 -42.37
N SER A 231 2.95 5.97 -43.30
CA SER A 231 3.55 7.01 -44.13
C SER A 231 4.03 6.37 -45.41
N GLN A 232 4.19 7.19 -46.45
CA GLN A 232 4.69 6.69 -47.73
C GLN A 232 6.10 6.12 -47.57
N MET A 233 6.90 6.71 -46.69
CA MET A 233 8.22 6.16 -46.42
C MET A 233 8.12 4.78 -45.78
N GLU A 234 7.18 4.60 -44.87
CA GLU A 234 6.96 3.29 -44.27
C GLU A 234 6.43 2.30 -45.31
N ILE A 235 5.57 2.76 -46.21
CA ILE A 235 5.09 1.91 -47.30
C ILE A 235 6.25 1.51 -48.20
N ASP A 236 7.12 2.46 -48.53
CA ASP A 236 8.28 2.15 -49.37
C ASP A 236 9.25 1.23 -48.65
N PHE A 237 9.41 1.39 -47.33
CA PHE A 237 10.33 0.54 -46.58
C PHE A 237 9.90 -0.93 -46.64
N LEU A 238 8.60 -1.18 -46.50
CA LEU A 238 8.12 -2.55 -46.50
C LEU A 238 8.04 -3.14 -47.90
N GLU A 239 7.65 -2.32 -48.88
CA GLU A 239 7.43 -2.83 -50.23
C GLU A 239 8.72 -2.94 -51.04
N LEU A 240 9.75 -2.18 -50.69
CA LEU A 240 10.98 -2.16 -51.47
C LEU A 240 12.09 -2.93 -50.76
N ALA A 241 13.21 -3.07 -51.45
CA ALA A 241 14.39 -3.73 -50.91
C ALA A 241 15.27 -2.73 -50.16
N MET A 242 16.26 -3.27 -49.47
CA MET A 242 17.12 -2.44 -48.63
C MET A 242 17.95 -1.48 -49.47
N ASP A 243 18.58 -1.99 -50.54
CA ASP A 243 19.43 -1.14 -51.37
C ASP A 243 18.63 -0.03 -52.03
N GLU A 244 17.41 -0.33 -52.48
CA GLU A 244 16.61 0.67 -53.17
C GLU A 244 16.07 1.72 -52.19
N PHE A 245 15.65 1.28 -51.00
CA PHE A 245 15.12 2.22 -50.01
C PHE A 245 16.19 3.21 -49.57
N ILE A 246 17.40 2.72 -49.30
CA ILE A 246 18.49 3.62 -48.95
C ILE A 246 18.79 4.58 -50.09
N GLU A 247 18.68 4.09 -51.33
CA GLU A 247 18.96 4.93 -52.48
C GLU A 247 17.86 5.99 -52.68
N ARG A 248 16.60 5.61 -52.45
CA ARG A 248 15.52 6.55 -52.71
C ARG A 248 15.54 7.72 -51.71
N TYR A 249 15.80 7.42 -50.44
CA TYR A 249 15.78 8.44 -49.40
C TYR A 249 17.18 8.88 -48.98
N LYS A 250 18.20 8.51 -49.72
CA LYS A 250 19.59 8.97 -49.54
C LYS A 250 20.02 8.82 -48.09
N LEU A 251 20.17 7.56 -47.67
CA LEU A 251 20.49 7.23 -46.29
C LEU A 251 21.82 6.50 -46.16
N GLU A 252 22.73 6.70 -47.11
CA GLU A 252 24.06 6.11 -47.01
C GLU A 252 24.82 6.75 -45.86
N GLY A 253 25.59 5.93 -45.14
CA GLY A 253 26.38 6.40 -44.02
C GLY A 253 25.66 6.45 -42.70
N TYR A 254 24.37 6.12 -42.67
CA TYR A 254 23.58 6.14 -41.44
C TYR A 254 23.37 4.75 -40.85
N ALA A 255 23.85 3.70 -41.53
CA ALA A 255 23.83 2.34 -41.00
C ALA A 255 22.41 1.84 -40.74
N PHE A 256 21.53 2.03 -41.72
CA PHE A 256 20.19 1.47 -41.60
C PHE A 256 20.19 -0.05 -41.71
N GLU A 257 21.11 -0.61 -42.49
CA GLU A 257 21.23 -2.05 -42.59
C GLU A 257 21.41 -2.67 -41.22
N HIS A 258 22.20 -2.03 -40.37
CA HIS A 258 22.41 -2.52 -39.01
C HIS A 258 21.27 -2.12 -38.09
N ILE A 259 20.95 -0.82 -38.05
CA ILE A 259 20.04 -0.30 -37.04
C ILE A 259 18.61 -0.76 -37.32
N VAL A 260 18.17 -0.65 -38.57
CA VAL A 260 16.76 -0.91 -38.89
C VAL A 260 16.60 -2.32 -39.45
N TYR A 261 17.30 -2.63 -40.54
CA TYR A 261 17.14 -3.93 -41.18
C TYR A 261 17.68 -5.06 -40.31
N GLY A 262 18.69 -4.77 -39.49
CA GLY A 262 19.26 -5.78 -38.62
C GLY A 262 20.30 -6.65 -39.29
N ASP A 263 21.31 -7.06 -38.54
CA ASP A 263 22.39 -7.90 -39.03
C ASP A 263 22.29 -9.28 -38.38
N PHE A 264 22.24 -10.32 -39.20
CA PHE A 264 22.05 -11.68 -38.71
C PHE A 264 23.21 -12.60 -39.08
N SER A 265 24.31 -12.06 -39.61
CA SER A 265 25.40 -12.90 -40.07
C SER A 265 26.22 -13.48 -38.93
N HIS A 266 26.17 -12.86 -37.75
CA HIS A 266 27.02 -13.26 -36.63
C HIS A 266 26.20 -13.88 -35.51
N SER A 267 26.91 -14.41 -34.52
CA SER A 267 26.27 -15.04 -33.38
C SER A 267 25.37 -14.06 -32.63
N GLN A 268 25.91 -12.88 -32.31
CA GLN A 268 25.08 -11.86 -31.68
C GLN A 268 24.35 -11.06 -32.75
N LEU A 269 23.06 -10.85 -32.53
CA LEU A 269 22.26 -10.11 -33.49
C LEU A 269 22.69 -8.64 -33.51
N GLY A 270 22.73 -8.07 -34.70
CA GLY A 270 23.16 -6.69 -34.85
C GLY A 270 22.05 -5.69 -35.06
N GLY A 271 21.94 -4.71 -34.17
CA GLY A 271 20.98 -3.63 -34.39
C GLY A 271 19.54 -4.10 -34.19
N LEU A 272 18.70 -3.75 -35.16
CA LEU A 272 17.28 -4.11 -35.16
C LEU A 272 16.58 -3.49 -33.94
N HIS A 273 16.47 -2.17 -33.97
CA HIS A 273 15.93 -1.42 -32.85
C HIS A 273 14.63 -0.70 -33.18
N LEU A 274 14.16 -0.77 -34.43
CA LEU A 274 12.90 -0.15 -34.83
C LEU A 274 11.87 -1.25 -35.09
N LEU A 275 10.66 -1.05 -34.57
CA LEU A 275 9.63 -2.07 -34.68
C LEU A 275 9.28 -2.39 -36.12
N ILE A 276 9.33 -1.37 -37.00
CA ILE A 276 9.02 -1.62 -38.40
C ILE A 276 10.04 -2.56 -39.03
N GLY A 277 11.28 -2.53 -38.54
CA GLY A 277 12.27 -3.50 -39.00
C GLY A 277 11.91 -4.91 -38.59
N LEU A 278 11.42 -5.08 -37.36
CA LEU A 278 10.99 -6.40 -36.91
C LEU A 278 9.80 -6.90 -37.73
N ALA A 279 8.86 -6.01 -38.05
CA ALA A 279 7.67 -6.42 -38.78
C ALA A 279 8.03 -6.88 -40.19
N LYS A 280 8.99 -6.22 -40.83
CA LYS A 280 9.40 -6.62 -42.18
C LYS A 280 10.02 -8.01 -42.17
N ARG A 281 10.81 -8.32 -41.14
CA ARG A 281 11.41 -9.65 -41.04
C ARG A 281 10.37 -10.71 -40.70
N PHE A 282 9.39 -10.35 -39.85
CA PHE A 282 8.44 -11.35 -39.36
C PHE A 282 7.57 -11.90 -40.48
N LYS A 283 7.32 -11.12 -41.53
CA LYS A 283 6.52 -11.60 -42.64
C LYS A 283 7.27 -12.65 -43.46
N GLU A 284 8.59 -12.61 -43.44
CA GLU A 284 9.41 -13.56 -44.19
C GLU A 284 10.01 -14.66 -43.31
N SER A 285 10.54 -14.30 -42.14
CA SER A 285 11.19 -15.26 -41.26
C SER A 285 10.67 -15.07 -39.85
N PRO A 286 10.27 -16.14 -39.17
CA PRO A 286 9.83 -16.01 -37.79
C PRO A 286 10.99 -15.88 -36.82
N PHE A 287 10.66 -15.40 -35.62
CA PHE A 287 11.64 -15.26 -34.56
C PHE A 287 10.92 -15.18 -33.22
N GLU A 288 11.68 -15.38 -32.16
CA GLU A 288 11.14 -15.44 -30.80
C GLU A 288 11.47 -14.15 -30.06
N LEU A 289 10.45 -13.56 -29.45
CA LEU A 289 10.61 -12.36 -28.63
C LEU A 289 10.16 -12.69 -27.20
N GLU A 290 11.08 -12.55 -26.25
CA GLU A 290 10.79 -12.80 -24.85
C GLU A 290 10.78 -11.45 -24.12
N ASP A 291 9.60 -11.05 -23.66
CA ASP A 291 9.41 -9.76 -23.00
C ASP A 291 9.67 -9.95 -21.51
N PHE A 292 10.95 -9.89 -21.14
CA PHE A 292 11.31 -10.17 -19.75
C PHE A 292 10.90 -9.06 -18.79
N ILE A 293 10.48 -7.90 -19.30
CA ILE A 293 9.84 -6.88 -18.46
C ILE A 293 8.47 -6.59 -19.05
N PRO A 294 7.47 -7.43 -18.79
CA PRO A 294 6.15 -7.22 -19.39
C PRO A 294 5.41 -6.02 -18.80
N MET A 295 5.46 -4.89 -19.50
CA MET A 295 4.79 -3.68 -19.05
C MET A 295 4.70 -2.72 -20.23
N ASP A 296 3.95 -1.64 -20.02
CA ASP A 296 3.83 -0.59 -21.01
C ASP A 296 4.94 0.42 -20.79
N SER A 297 5.85 0.53 -21.77
CA SER A 297 6.93 1.50 -21.68
C SER A 297 7.28 1.97 -23.08
N THR A 298 7.82 3.18 -23.17
CA THR A 298 8.15 3.75 -24.47
C THR A 298 9.20 2.92 -25.19
N VAL A 299 10.22 2.47 -24.47
CA VAL A 299 11.25 1.58 -25.00
C VAL A 299 11.00 0.19 -24.43
N LYS A 300 10.97 -0.81 -25.31
CA LYS A 300 10.75 -2.20 -24.93
C LYS A 300 12.02 -3.00 -25.17
N ASN A 301 12.45 -3.74 -24.16
CA ASN A 301 13.62 -4.59 -24.25
C ASN A 301 13.19 -6.04 -24.40
N TYR A 302 13.81 -6.74 -25.36
CA TYR A 302 13.44 -8.11 -25.67
C TYR A 302 14.69 -8.99 -25.77
N PHE A 303 14.52 -10.25 -25.37
CA PHE A 303 15.49 -11.30 -25.64
C PHE A 303 15.05 -11.97 -26.94
N ILE A 304 15.80 -11.75 -28.02
CA ILE A 304 15.40 -12.16 -29.36
C ILE A 304 16.29 -13.31 -29.81
N THR A 305 15.68 -14.27 -30.50
CA THR A 305 16.40 -15.37 -31.13
C THR A 305 15.79 -15.59 -32.51
N ASP A 306 16.61 -15.47 -33.54
CA ASP A 306 16.15 -15.63 -34.92
C ASP A 306 16.14 -17.11 -35.29
N ALA A 307 14.97 -17.62 -35.66
CA ALA A 307 14.84 -19.05 -35.93
C ALA A 307 15.60 -19.46 -37.17
N GLN A 308 15.63 -18.61 -38.20
CA GLN A 308 16.25 -19.00 -39.46
C GLN A 308 17.77 -19.12 -39.32
N THR A 309 18.41 -18.12 -38.74
CA THR A 309 19.87 -18.05 -38.72
C THR A 309 20.47 -18.51 -37.40
N GLY A 310 19.78 -18.34 -36.28
CA GLY A 310 20.35 -18.59 -34.99
C GLY A 310 20.98 -17.39 -34.32
N SER A 311 20.97 -16.23 -34.97
CA SER A 311 21.50 -15.02 -34.36
C SER A 311 20.59 -14.57 -33.22
N SER A 312 21.20 -14.06 -32.15
CA SER A 312 20.44 -13.73 -30.96
C SER A 312 21.11 -12.59 -30.22
N LYS A 313 20.34 -11.96 -29.32
CA LYS A 313 20.85 -10.90 -28.47
C LYS A 313 20.00 -10.82 -27.21
N CYS A 314 20.67 -10.72 -26.06
CA CYS A 314 19.95 -10.74 -24.79
C CYS A 314 19.06 -9.52 -24.62
N VAL A 315 19.64 -8.33 -24.73
CA VAL A 315 18.90 -7.08 -24.54
C VAL A 315 18.91 -6.34 -25.87
N CYS A 316 17.78 -6.36 -26.56
CA CYS A 316 17.60 -5.64 -27.81
C CYS A 316 16.52 -4.60 -27.60
N SER A 317 16.94 -3.34 -27.46
CA SER A 317 15.99 -2.26 -27.26
C SER A 317 15.24 -1.97 -28.55
N VAL A 318 13.92 -1.89 -28.46
CA VAL A 318 13.05 -1.66 -29.61
C VAL A 318 12.11 -0.50 -29.29
N ILE A 319 11.88 0.35 -30.28
CA ILE A 319 10.94 1.47 -30.14
C ILE A 319 10.10 1.54 -31.40
N ASP A 320 8.82 1.90 -31.23
CA ASP A 320 7.91 2.01 -32.36
C ASP A 320 7.69 3.47 -32.71
N LEU A 321 8.72 4.04 -33.34
CA LEU A 321 8.65 5.39 -33.87
C LEU A 321 8.23 5.36 -35.33
N LEU A 322 7.53 6.39 -35.75
CA LEU A 322 7.28 6.57 -37.18
C LEU A 322 8.61 6.68 -37.90
N LEU A 323 8.72 5.96 -39.02
CA LEU A 323 10.00 5.92 -39.73
C LEU A 323 10.46 7.30 -40.14
N ASP A 324 9.54 8.18 -40.54
CA ASP A 324 9.92 9.54 -40.90
C ASP A 324 10.50 10.27 -39.71
N ASP A 325 9.88 10.13 -38.54
CA ASP A 325 10.39 10.77 -37.33
C ASP A 325 11.77 10.23 -36.98
N PHE A 326 11.98 8.92 -37.12
CA PHE A 326 13.28 8.35 -36.83
C PHE A 326 14.35 8.88 -37.78
N VAL A 327 13.99 9.04 -39.05
CA VAL A 327 14.93 9.60 -40.02
C VAL A 327 15.33 11.01 -39.61
N GLU A 328 14.35 11.82 -39.20
CA GLU A 328 14.64 13.20 -38.79
C GLU A 328 15.58 13.24 -37.60
N ILE A 329 15.40 12.33 -36.64
CA ILE A 329 16.21 12.34 -35.43
C ILE A 329 17.67 12.03 -35.75
N ILE A 330 17.91 10.91 -36.45
CA ILE A 330 19.27 10.49 -36.71
C ILE A 330 19.98 11.46 -37.66
N LYS A 331 19.23 12.11 -38.55
CA LYS A 331 19.82 13.11 -39.42
C LYS A 331 20.07 14.43 -38.72
N SER A 332 19.58 14.61 -37.50
CA SER A 332 19.75 15.84 -36.75
C SER A 332 20.86 15.74 -35.71
N GLN A 333 21.82 14.85 -35.91
CA GLN A 333 22.86 14.59 -34.92
C GLN A 333 24.24 14.89 -35.50
N ASP A 334 25.18 15.12 -34.59
CA ASP A 334 26.58 15.32 -34.95
C ASP A 334 27.32 14.00 -34.88
N LEU A 335 28.12 13.71 -35.90
CA LEU A 335 28.74 12.40 -36.08
C LEU A 335 30.27 12.45 -35.97
N SER A 336 30.80 13.41 -35.20
CA SER A 336 32.24 13.59 -35.10
C SER A 336 32.85 12.91 -33.88
N VAL A 337 32.04 12.26 -33.05
CA VAL A 337 32.51 11.61 -31.84
C VAL A 337 32.26 10.11 -31.94
N VAL A 338 33.20 9.32 -31.41
CA VAL A 338 33.05 7.87 -31.47
C VAL A 338 31.80 7.42 -30.73
N SER A 339 31.54 7.98 -29.55
CA SER A 339 30.38 7.57 -28.76
C SER A 339 29.96 8.70 -27.86
N LYS A 340 28.65 8.90 -27.75
CA LYS A 340 28.08 9.87 -26.82
C LYS A 340 26.62 9.51 -26.59
N VAL A 341 26.03 10.13 -25.57
CA VAL A 341 24.64 9.89 -25.20
C VAL A 341 23.76 10.99 -25.78
N VAL A 342 22.67 10.59 -26.43
CA VAL A 342 21.75 11.52 -27.07
C VAL A 342 20.42 11.44 -26.33
N LYS A 343 19.90 12.61 -25.95
CA LYS A 343 18.61 12.71 -25.27
C LYS A 343 17.55 13.11 -26.29
N VAL A 344 16.43 12.38 -26.29
CA VAL A 344 15.30 12.66 -27.16
C VAL A 344 14.03 12.61 -26.33
N THR A 345 13.21 13.65 -26.42
CA THR A 345 11.94 13.69 -25.69
C THR A 345 10.90 12.93 -26.48
N ILE A 346 10.50 11.77 -25.97
CA ILE A 346 9.49 10.92 -26.60
C ILE A 346 8.44 10.58 -25.56
N ASP A 347 7.17 10.71 -25.94
CA ASP A 347 6.05 10.45 -25.03
C ASP A 347 6.20 11.24 -23.74
N TYR A 348 6.67 12.49 -23.88
CA TYR A 348 6.88 13.44 -22.79
C TYR A 348 7.99 13.03 -21.83
N THR A 349 8.74 11.98 -22.13
CA THR A 349 9.88 11.60 -21.31
C THR A 349 11.15 11.67 -22.13
N GLU A 350 12.27 11.85 -21.43
CA GLU A 350 13.57 12.05 -22.07
C GLU A 350 14.25 10.69 -22.26
N ILE A 351 14.29 10.22 -23.49
CA ILE A 351 14.87 8.91 -23.81
C ILE A 351 16.33 9.09 -24.15
N SER A 352 17.19 8.27 -23.54
CA SER A 352 18.62 8.31 -23.79
C SER A 352 18.97 7.35 -24.92
N PHE A 353 19.76 7.83 -25.88
CA PHE A 353 20.22 7.03 -27.00
C PHE A 353 21.73 6.92 -26.99
N MET A 354 22.24 5.80 -27.48
CA MET A 354 23.67 5.60 -27.64
C MET A 354 24.03 5.73 -29.11
N LEU A 355 24.88 6.69 -29.43
CA LEU A 355 25.27 6.97 -30.81
C LEU A 355 26.74 6.61 -30.99
N TRP A 356 27.01 5.66 -31.88
CA TRP A 356 28.37 5.23 -32.20
C TRP A 356 28.68 5.62 -33.63
N CYS A 357 29.82 6.30 -33.83
CA CYS A 357 30.22 6.77 -35.14
C CYS A 357 31.69 6.43 -35.37
N LYS A 358 32.06 6.38 -36.65
CA LYS A 358 33.45 6.16 -37.03
C LYS A 358 33.70 6.86 -38.36
N ASP A 359 34.66 7.80 -38.36
CA ASP A 359 35.06 8.54 -39.55
C ASP A 359 33.87 9.27 -40.19
N GLY A 360 33.06 9.91 -39.35
CA GLY A 360 31.96 10.72 -39.83
C GLY A 360 30.74 9.97 -40.28
N HIS A 361 30.69 8.66 -40.09
CA HIS A 361 29.53 7.86 -40.46
C HIS A 361 29.00 7.12 -39.24
N VAL A 362 27.71 6.85 -39.25
CA VAL A 362 27.05 6.19 -38.13
C VAL A 362 27.40 4.71 -38.13
N GLU A 363 27.72 4.17 -36.95
CA GLU A 363 27.86 2.73 -36.77
C GLU A 363 26.60 2.09 -36.20
N THR A 364 26.11 2.61 -35.07
CA THR A 364 24.85 2.15 -34.52
C THR A 364 24.23 3.28 -33.71
N PHE A 365 22.94 3.12 -33.41
CA PHE A 365 22.17 4.15 -32.71
C PHE A 365 20.96 3.47 -32.10
N TYR A 366 21.00 3.25 -30.78
CA TYR A 366 19.96 2.48 -30.11
C TYR A 366 19.55 3.17 -28.82
N PRO A 367 18.32 2.95 -28.38
CA PRO A 367 17.84 3.55 -27.13
C PRO A 367 18.16 2.69 -25.92
N LYS A 368 17.91 3.26 -24.75
CA LYS A 368 18.09 2.57 -23.48
C LYS A 368 16.88 2.80 -22.59
N LEU A 369 16.62 1.84 -21.71
CA LEU A 369 15.48 1.92 -20.79
C LEU A 369 15.96 2.21 -19.37
N ASN B 23 15.67 -4.43 -2.06
CA ASN B 23 17.08 -4.54 -2.40
C ASN B 23 17.84 -5.40 -1.39
N MET B 24 19.04 -4.95 -1.02
CA MET B 24 20.02 -5.73 -0.28
C MET B 24 19.95 -7.21 -0.63
N SER B 25 19.73 -8.08 0.35
CA SER B 25 19.73 -9.52 0.06
C SER B 25 18.81 -10.26 1.02
N LEU B 26 17.91 -11.06 0.45
CA LEU B 26 17.10 -11.96 1.27
C LEU B 26 17.96 -12.99 1.99
N GLU B 27 18.95 -13.55 1.27
CA GLU B 27 19.84 -14.53 1.88
C GLU B 27 20.65 -13.92 3.01
N ASN B 28 20.99 -12.63 2.90
CA ASN B 28 21.70 -11.96 3.98
C ASN B 28 20.81 -11.77 5.19
N VAL B 29 19.52 -11.48 4.98
CA VAL B 29 18.58 -11.36 6.08
C VAL B 29 18.49 -12.67 6.84
N ALA B 30 18.39 -13.79 6.11
CA ALA B 30 18.32 -15.09 6.77
C ALA B 30 19.61 -15.41 7.50
N PHE B 31 20.75 -14.98 6.97
CA PHE B 31 22.02 -15.21 7.63
C PHE B 31 22.04 -14.56 9.02
N ASN B 32 21.57 -13.32 9.11
CA ASN B 32 21.58 -12.62 10.40
C ASN B 32 20.65 -13.30 11.39
N VAL B 33 19.51 -13.80 10.92
CA VAL B 33 18.53 -14.40 11.82
C VAL B 33 19.12 -15.64 12.49
N VAL B 34 19.77 -16.50 11.71
CA VAL B 34 20.27 -17.74 12.26
C VAL B 34 21.51 -17.49 13.11
N ASN B 35 22.26 -16.43 12.82
CA ASN B 35 23.51 -16.17 13.52
C ASN B 35 23.40 -15.10 14.59
N LYS B 36 22.34 -14.29 14.58
CA LYS B 36 22.18 -13.22 15.56
C LYS B 36 20.80 -13.19 16.18
N GLY B 37 19.90 -14.11 15.83
CA GLY B 37 18.53 -14.08 16.31
C GLY B 37 17.66 -13.04 15.63
N HIS B 38 18.25 -12.09 14.92
CA HIS B 38 17.52 -11.03 14.24
C HIS B 38 18.46 -10.42 13.21
N PHE B 39 18.06 -9.30 12.62
CA PHE B 39 18.92 -8.60 11.68
C PHE B 39 19.85 -7.69 12.47
N ASP B 40 21.14 -8.02 12.47
CA ASP B 40 22.16 -7.26 13.18
C ASP B 40 23.10 -6.54 12.22
N GLY B 41 22.78 -6.53 10.93
CA GLY B 41 23.62 -5.87 9.95
C GLY B 41 24.88 -6.61 9.58
N GLN B 42 25.09 -7.82 10.11
CA GLN B 42 26.26 -8.59 9.76
C GLN B 42 26.18 -9.08 8.31
N GLN B 43 27.34 -9.37 7.73
CA GLN B 43 27.42 -9.80 6.35
C GLN B 43 27.60 -11.31 6.29
N GLY B 44 27.01 -11.93 5.28
CA GLY B 44 26.94 -13.36 5.16
C GLY B 44 25.62 -13.77 4.53
N GLU B 45 25.59 -14.99 4.02
CA GLU B 45 24.44 -15.48 3.29
C GLU B 45 24.27 -16.97 3.53
N VAL B 46 23.01 -17.42 3.48
CA VAL B 46 22.68 -18.84 3.65
C VAL B 46 21.62 -19.22 2.63
N PRO B 47 21.59 -20.50 2.25
CA PRO B 47 20.59 -20.96 1.29
C PRO B 47 19.18 -20.85 1.86
N VAL B 48 18.24 -20.40 1.01
CA VAL B 48 16.88 -20.11 1.43
C VAL B 48 15.90 -20.73 0.44
N SER B 49 14.84 -21.32 0.96
CA SER B 49 13.71 -21.80 0.16
C SER B 49 12.45 -21.07 0.60
N ILE B 50 11.65 -20.65 -0.37
CA ILE B 50 10.36 -20.01 -0.12
C ILE B 50 9.29 -20.93 -0.66
N ILE B 51 8.48 -21.49 0.24
CA ILE B 51 7.36 -22.36 -0.12
C ILE B 51 6.15 -21.89 0.66
N ASN B 52 5.02 -21.73 -0.03
CA ASN B 52 3.77 -21.25 0.55
C ASN B 52 4.07 -19.88 1.16
N ASN B 53 3.60 -19.59 2.37
CA ASN B 53 3.98 -18.38 3.09
C ASN B 53 5.01 -18.67 4.17
N THR B 54 5.96 -19.57 3.87
CA THR B 54 6.95 -20.00 4.85
C THR B 54 8.34 -19.87 4.26
N VAL B 55 9.29 -19.38 5.07
CA VAL B 55 10.68 -19.23 4.67
C VAL B 55 11.49 -20.33 5.33
N TYR B 56 12.17 -21.13 4.50
CA TYR B 56 13.01 -22.21 4.97
C TYR B 56 14.48 -21.91 4.69
N THR B 57 15.34 -22.69 5.33
CA THR B 57 16.77 -22.64 5.05
C THR B 57 17.34 -24.05 5.18
N LYS B 58 18.39 -24.32 4.43
CA LYS B 58 19.03 -25.62 4.44
C LYS B 58 20.05 -25.69 5.56
N VAL B 59 19.86 -26.62 6.49
CA VAL B 59 20.79 -26.84 7.59
C VAL B 59 21.26 -28.29 7.47
N ASP B 60 22.43 -28.49 6.87
CA ASP B 60 23.01 -29.82 6.66
C ASP B 60 22.04 -30.71 5.89
N GLY B 61 21.52 -30.19 4.78
CA GLY B 61 20.71 -30.94 3.86
C GLY B 61 19.21 -30.80 4.05
N VAL B 62 18.75 -30.56 5.27
CA VAL B 62 17.33 -30.50 5.56
C VAL B 62 16.90 -29.04 5.65
N ASP B 63 15.63 -28.80 5.32
CA ASP B 63 15.05 -27.46 5.38
C ASP B 63 14.45 -27.21 6.75
N VAL B 64 14.79 -26.07 7.34
CA VAL B 64 14.29 -25.68 8.65
C VAL B 64 13.45 -24.42 8.49
N GLU B 65 12.21 -24.48 9.00
CA GLU B 65 11.33 -23.32 8.92
C GLU B 65 11.87 -22.17 9.77
N LEU B 66 11.84 -20.98 9.19
CA LEU B 66 12.29 -19.79 9.89
C LEU B 66 11.21 -18.76 10.14
N PHE B 67 10.16 -18.74 9.33
CA PHE B 67 9.14 -17.69 9.44
C PHE B 67 7.89 -18.12 8.69
N GLU B 68 6.76 -18.15 9.38
CA GLU B 68 5.47 -18.41 8.76
C GLU B 68 4.75 -17.06 8.60
N ASN B 69 4.59 -16.63 7.36
CA ASN B 69 3.99 -15.33 7.09
C ASN B 69 2.51 -15.35 7.48
N LYS B 70 2.15 -14.57 8.50
CA LYS B 70 0.76 -14.42 8.91
C LYS B 70 0.23 -13.04 8.57
N THR B 71 0.88 -12.33 7.65
CA THR B 71 0.52 -10.96 7.30
C THR B 71 -0.10 -10.94 5.92
N THR B 72 -0.48 -9.73 5.49
CA THR B 72 -1.06 -9.50 4.17
C THR B 72 -0.02 -9.09 3.14
N LEU B 73 1.24 -9.08 3.50
CA LEU B 73 2.34 -8.70 2.64
C LEU B 73 3.00 -9.94 2.03
N PRO B 74 3.77 -9.76 0.97
CA PRO B 74 4.52 -10.90 0.42
C PRO B 74 5.42 -11.54 1.47
N VAL B 75 5.66 -12.84 1.30
CA VAL B 75 6.35 -13.62 2.32
C VAL B 75 7.77 -13.09 2.53
N ASN B 76 8.48 -12.80 1.44
CA ASN B 76 9.86 -12.33 1.58
C ASN B 76 9.90 -10.94 2.21
N VAL B 77 8.93 -10.09 1.88
CA VAL B 77 8.90 -8.74 2.43
C VAL B 77 8.59 -8.79 3.92
N ALA B 78 7.51 -9.48 4.30
CA ALA B 78 7.15 -9.56 5.71
C ALA B 78 8.26 -10.20 6.53
N PHE B 79 8.94 -11.19 5.97
CA PHE B 79 10.06 -11.81 6.67
C PHE B 79 11.16 -10.80 6.95
N GLU B 80 11.48 -9.96 5.97
CA GLU B 80 12.49 -8.93 6.17
C GLU B 80 12.06 -7.95 7.26
N LEU B 81 10.78 -7.57 7.28
CA LEU B 81 10.32 -6.62 8.28
C LEU B 81 10.32 -7.24 9.67
N TRP B 82 9.89 -8.51 9.77
CA TRP B 82 9.94 -9.19 11.06
C TRP B 82 11.37 -9.31 11.56
N ALA B 83 12.31 -9.59 10.66
CA ALA B 83 13.71 -9.66 11.05
C ALA B 83 14.22 -8.31 11.55
N LYS B 84 13.73 -7.22 10.96
CA LYS B 84 14.13 -5.88 11.33
C LYS B 84 13.22 -5.26 12.37
N ARG B 85 12.43 -6.06 13.08
CA ARG B 85 11.57 -5.55 14.14
C ARG B 85 12.41 -4.90 15.23
N ASN B 86 11.78 -3.98 15.97
CA ASN B 86 12.46 -3.31 17.06
C ASN B 86 12.53 -4.24 18.27
N ILE B 87 13.74 -4.52 18.73
CA ILE B 87 13.95 -5.42 19.86
C ILE B 87 14.22 -4.65 21.15
N LYS B 88 14.02 -3.35 21.15
CA LYS B 88 14.07 -2.56 22.37
C LYS B 88 12.67 -2.41 22.94
N PRO B 89 12.55 -2.07 24.22
CA PRO B 89 11.21 -1.80 24.79
C PRO B 89 10.51 -0.69 24.03
N VAL B 90 9.33 -1.00 23.50
CA VAL B 90 8.56 -0.05 22.71
C VAL B 90 7.16 0.05 23.28
N PRO B 91 6.47 1.17 23.05
CA PRO B 91 5.07 1.27 23.50
C PRO B 91 4.20 0.21 22.88
N GLU B 92 3.12 -0.12 23.58
CA GLU B 92 2.17 -1.08 23.05
C GLU B 92 1.41 -0.47 21.88
N VAL B 93 0.99 -1.33 20.96
CA VAL B 93 0.38 -0.87 19.72
C VAL B 93 -0.89 -0.08 20.00
N LYS B 94 -1.63 -0.45 21.05
CA LYS B 94 -2.84 0.31 21.39
C LYS B 94 -2.50 1.74 21.78
N ILE B 95 -1.33 1.96 22.36
CA ILE B 95 -0.90 3.33 22.67
C ILE B 95 -0.62 4.10 21.40
N LEU B 96 0.13 3.49 20.47
CA LEU B 96 0.47 4.17 19.24
C LEU B 96 -0.77 4.45 18.39
N ASN B 97 -1.69 3.49 18.35
CA ASN B 97 -2.92 3.70 17.58
C ASN B 97 -3.77 4.81 18.18
N ASN B 98 -3.88 4.86 19.51
CA ASN B 98 -4.64 5.91 20.16
C ASN B 98 -4.05 7.28 19.90
N LEU B 99 -2.79 7.37 19.50
CA LEU B 99 -2.14 8.62 19.18
C LEU B 99 -2.10 8.87 17.68
N GLY B 100 -2.78 8.06 16.88
CA GLY B 100 -2.83 8.26 15.45
C GLY B 100 -1.52 8.02 14.73
N VAL B 101 -0.67 7.15 15.26
CA VAL B 101 0.60 6.85 14.60
C VAL B 101 0.34 6.08 13.32
N ASP B 102 0.90 6.57 12.21
CA ASP B 102 0.71 5.95 10.91
C ASP B 102 1.92 5.16 10.44
N ILE B 103 3.13 5.56 10.85
CA ILE B 103 4.35 4.96 10.33
C ILE B 103 5.47 5.23 11.33
N ALA B 104 6.54 4.45 11.24
CA ALA B 104 7.68 4.57 12.14
C ALA B 104 8.89 5.10 11.38
N ALA B 105 9.79 5.75 12.10
CA ALA B 105 10.98 6.37 11.52
C ALA B 105 12.15 5.40 11.68
N ASN B 106 12.57 4.81 10.55
CA ASN B 106 13.79 4.00 10.49
C ASN B 106 13.75 2.82 11.46
N THR B 107 12.56 2.24 11.63
CA THR B 107 12.41 1.05 12.46
C THR B 107 11.06 0.42 12.14
N VAL B 108 10.88 -0.81 12.60
CA VAL B 108 9.65 -1.56 12.42
C VAL B 108 9.10 -1.93 13.78
N ILE B 109 7.83 -1.61 14.01
CA ILE B 109 7.11 -2.00 15.22
C ILE B 109 6.30 -3.25 14.89
N TRP B 110 6.58 -4.34 15.58
CA TRP B 110 5.90 -5.61 15.32
C TRP B 110 4.70 -5.75 16.24
N ASP B 111 3.54 -6.00 15.63
CA ASP B 111 2.32 -6.26 16.38
C ASP B 111 2.25 -7.76 16.65
N TYR B 112 2.63 -8.16 17.86
CA TYR B 112 2.67 -9.59 18.20
C TYR B 112 1.27 -10.15 18.40
N LYS B 113 0.31 -9.33 18.79
CA LYS B 113 -1.07 -9.78 18.89
C LYS B 113 -1.74 -9.92 17.53
N ARG B 114 -1.13 -9.36 16.49
CA ARG B 114 -1.53 -9.63 15.11
C ARG B 114 -0.50 -10.42 14.33
N ASP B 115 0.68 -10.64 14.91
CA ASP B 115 1.80 -11.29 14.22
C ASP B 115 2.03 -10.66 12.85
N ALA B 116 2.07 -9.34 12.83
CA ALA B 116 2.15 -8.57 11.60
C ALA B 116 2.74 -7.21 11.91
N PRO B 117 3.27 -6.50 10.92
CA PRO B 117 3.78 -5.15 11.16
C PRO B 117 2.67 -4.24 11.64
N ALA B 118 3.00 -3.37 12.61
CA ALA B 118 2.02 -2.43 13.10
C ALA B 118 1.67 -1.37 12.08
N HIS B 119 2.50 -1.17 11.06
CA HIS B 119 2.28 -0.14 10.07
C HIS B 119 2.55 -0.68 8.68
N ILE B 120 1.89 -0.09 7.69
CA ILE B 120 1.95 -0.61 6.33
C ILE B 120 3.30 -0.31 5.70
N SER B 121 3.67 0.96 5.63
CA SER B 121 4.87 1.41 4.94
C SER B 121 6.02 1.58 5.93
N THR B 122 7.20 1.81 5.38
CA THR B 122 8.42 2.01 6.17
C THR B 122 9.16 3.24 5.67
N ILE B 123 10.15 3.66 6.46
CA ILE B 123 11.00 4.79 6.14
C ILE B 123 12.44 4.34 6.34
N GLY B 124 13.16 4.14 5.24
CA GLY B 124 14.55 3.73 5.33
C GLY B 124 14.75 2.39 6.01
N VAL B 125 13.89 1.42 5.70
CA VAL B 125 13.98 0.10 6.31
C VAL B 125 14.01 -0.98 5.23
N CYS B 126 12.92 -1.09 4.48
CA CYS B 126 12.80 -2.10 3.43
C CYS B 126 12.43 -1.42 2.12
N SER B 127 13.17 -1.72 1.05
CA SER B 127 12.96 -1.06 -0.22
C SER B 127 11.54 -1.27 -0.74
N MET B 128 10.97 -2.45 -0.50
CA MET B 128 9.64 -2.74 -1.00
C MET B 128 8.57 -1.90 -0.30
N THR B 129 8.74 -1.62 0.99
CA THR B 129 7.75 -0.87 1.74
C THR B 129 8.16 0.57 2.01
N ASP B 130 9.37 0.97 1.65
CA ASP B 130 9.81 2.33 1.90
C ASP B 130 9.06 3.31 1.00
N ILE B 131 8.35 4.24 1.62
CA ILE B 131 7.88 5.41 0.88
C ILE B 131 8.95 6.49 0.84
N ALA B 132 9.95 6.38 1.70
CA ALA B 132 11.03 7.34 1.77
C ALA B 132 12.18 6.70 2.53
N LYS B 133 13.37 7.29 2.37
CA LYS B 133 14.54 6.85 3.12
C LYS B 133 14.72 7.59 4.43
N LYS B 134 14.29 8.84 4.50
CA LYS B 134 14.40 9.67 5.69
C LYS B 134 13.08 10.36 5.97
N PRO B 135 12.75 10.58 7.24
CA PRO B 135 11.49 11.26 7.57
C PRO B 135 11.40 12.68 7.05
N THR B 136 12.53 13.35 6.80
CA THR B 136 12.51 14.71 6.28
C THR B 136 12.02 14.78 4.84
N GLU B 137 11.88 13.64 4.16
CA GLU B 137 11.39 13.66 2.79
C GLU B 137 9.98 14.21 2.72
N THR B 138 9.66 14.85 1.60
CA THR B 138 8.43 15.61 1.46
C THR B 138 7.18 14.74 1.58
N ILE B 139 7.29 13.45 1.27
CA ILE B 139 6.10 12.60 1.27
C ILE B 139 5.66 12.24 2.68
N CYS B 140 6.57 12.33 3.66
CA CYS B 140 6.25 11.97 5.04
C CYS B 140 5.54 13.08 5.80
N ALA B 141 5.33 14.24 5.18
CA ALA B 141 4.76 15.38 5.91
C ALA B 141 3.35 15.10 6.44
N PRO B 142 2.39 14.62 5.64
CA PRO B 142 1.03 14.44 6.17
C PRO B 142 0.86 13.22 7.07
N LEU B 143 1.92 12.47 7.33
CA LEU B 143 1.84 11.25 8.13
C LEU B 143 2.39 11.49 9.53
N THR B 144 1.71 10.92 10.53
CA THR B 144 2.17 11.00 11.91
C THR B 144 3.28 9.98 12.10
N VAL B 145 4.52 10.45 12.09
CA VAL B 145 5.70 9.60 12.14
C VAL B 145 6.11 9.39 13.59
N PHE B 146 6.42 8.15 13.94
CA PHE B 146 6.86 7.81 15.29
C PHE B 146 8.37 7.92 15.39
N PHE B 147 8.85 8.71 16.35
CA PHE B 147 10.27 8.92 16.57
C PHE B 147 10.67 8.38 17.93
N ASP B 148 11.83 7.71 17.98
CA ASP B 148 12.38 7.16 19.21
C ASP B 148 13.52 8.06 19.67
N GLY B 149 13.27 8.82 20.75
CA GLY B 149 14.26 9.74 21.26
C GLY B 149 15.53 9.07 21.76
N ARG B 150 15.48 7.77 22.03
CA ARG B 150 16.66 7.03 22.44
C ARG B 150 17.64 6.79 21.30
N VAL B 151 17.29 7.18 20.07
CA VAL B 151 18.16 7.01 18.92
C VAL B 151 18.67 8.39 18.51
N ASP B 152 19.93 8.44 18.10
CA ASP B 152 20.55 9.73 17.78
C ASP B 152 19.86 10.39 16.59
N GLY B 153 19.65 11.70 16.71
CA GLY B 153 19.09 12.49 15.65
C GLY B 153 17.59 12.44 15.50
N GLN B 154 16.90 11.55 16.23
CA GLN B 154 15.47 11.39 16.06
C GLN B 154 14.68 12.53 16.69
N VAL B 155 15.21 13.16 17.74
CA VAL B 155 14.52 14.29 18.34
C VAL B 155 14.50 15.47 17.38
N ASP B 156 15.62 15.74 16.71
CA ASP B 156 15.65 16.82 15.72
C ASP B 156 14.74 16.51 14.54
N LEU B 157 14.72 15.26 14.10
CA LEU B 157 13.79 14.86 13.03
C LEU B 157 12.35 15.08 13.46
N PHE B 158 12.07 14.95 14.76
CA PHE B 158 10.73 15.25 15.26
C PHE B 158 10.42 16.73 15.14
N ARG B 159 11.41 17.58 15.42
CA ARG B 159 11.20 19.02 15.30
C ARG B 159 10.97 19.44 13.86
N ASN B 160 11.62 18.76 12.90
CA ASN B 160 11.39 19.05 11.49
C ASN B 160 10.04 18.52 11.01
N ALA B 161 9.55 17.44 11.63
CA ALA B 161 8.37 16.77 11.13
C ALA B 161 7.12 17.63 11.32
N ARG B 162 6.21 17.55 10.35
CA ARG B 162 4.94 18.26 10.45
C ARG B 162 3.98 17.56 11.40
N ASN B 163 3.90 16.23 11.32
CA ASN B 163 3.12 15.43 12.25
C ASN B 163 4.03 14.34 12.81
N GLY B 164 3.91 14.08 14.11
CA GLY B 164 4.79 13.09 14.71
C GLY B 164 4.45 12.82 16.15
N VAL B 165 5.01 11.72 16.66
CA VAL B 165 4.93 11.32 18.05
C VAL B 165 6.33 10.94 18.51
N LEU B 166 6.71 11.40 19.70
CA LEU B 166 8.07 11.21 20.20
C LEU B 166 8.04 10.63 21.61
N ILE B 167 8.92 9.66 21.86
CA ILE B 167 9.12 9.10 23.18
C ILE B 167 10.57 9.33 23.59
N THR B 168 10.78 9.64 24.87
CA THR B 168 12.10 9.86 25.41
C THR B 168 12.19 9.27 26.81
N GLU B 169 13.43 9.02 27.25
CA GLU B 169 13.68 8.59 28.61
C GLU B 169 13.87 9.76 29.57
N GLY B 170 14.10 10.96 29.05
CA GLY B 170 14.26 12.13 29.88
C GLY B 170 13.62 13.36 29.27
N SER B 171 13.98 14.54 29.79
CA SER B 171 13.36 15.77 29.33
C SER B 171 13.97 16.22 28.00
N VAL B 172 13.14 16.90 27.21
CA VAL B 172 13.58 17.54 25.98
C VAL B 172 13.45 19.05 26.16
N LYS B 173 14.42 19.78 25.63
CA LYS B 173 14.48 21.23 25.79
C LYS B 173 13.18 21.89 25.37
N GLY B 174 12.49 22.49 26.33
CA GLY B 174 11.33 23.31 26.05
C GLY B 174 10.07 22.57 25.67
N LEU B 175 10.07 21.24 25.75
CA LEU B 175 8.92 20.42 25.39
C LEU B 175 8.20 19.97 26.65
N GLN B 176 6.92 20.29 26.75
CA GLN B 176 6.10 19.87 27.89
C GLN B 176 5.81 18.38 27.79
N PRO B 177 6.31 17.56 28.70
CA PRO B 177 6.19 16.11 28.52
C PRO B 177 4.84 15.58 28.98
N SER B 178 4.54 14.38 28.51
CA SER B 178 3.40 13.59 28.97
C SER B 178 3.93 12.24 29.41
N VAL B 179 3.84 11.97 30.71
CA VAL B 179 4.37 10.73 31.27
C VAL B 179 3.45 9.58 30.89
N GLY B 180 3.99 8.58 30.21
CA GLY B 180 3.22 7.46 29.75
C GLY B 180 3.07 6.38 30.80
N PRO B 181 2.59 5.21 30.38
CA PRO B 181 2.37 4.12 31.34
C PRO B 181 3.69 3.52 31.82
N LYS B 182 3.60 2.80 32.94
CA LYS B 182 4.78 2.15 33.50
C LYS B 182 5.31 1.06 32.58
N GLN B 183 4.44 0.37 31.86
CA GLN B 183 4.80 -0.83 31.12
C GLN B 183 5.07 -0.51 29.65
N ALA B 184 5.83 -1.40 29.02
CA ALA B 184 6.10 -1.34 27.59
C ALA B 184 6.23 -2.77 27.06
N SER B 185 6.32 -2.89 25.75
CA SER B 185 6.39 -4.19 25.08
C SER B 185 7.83 -4.45 24.66
N LEU B 186 8.41 -5.54 25.15
CA LEU B 186 9.75 -5.97 24.79
C LEU B 186 9.63 -7.33 24.11
N ASN B 187 9.74 -7.35 22.77
CA ASN B 187 9.66 -8.58 21.99
C ASN B 187 8.33 -9.29 22.22
N GLY B 188 7.24 -8.53 22.22
CA GLY B 188 5.94 -9.08 22.47
C GLY B 188 5.61 -9.33 23.93
N VAL B 189 6.54 -9.04 24.84
CA VAL B 189 6.33 -9.22 26.27
C VAL B 189 6.07 -7.86 26.89
N THR B 190 4.91 -7.72 27.53
CA THR B 190 4.55 -6.49 28.24
C THR B 190 4.94 -6.63 29.71
N LEU B 191 5.63 -5.61 30.23
CA LEU B 191 6.19 -5.71 31.57
C LEU B 191 6.64 -4.33 32.04
N ILE B 192 6.84 -4.23 33.35
CA ILE B 192 7.46 -3.06 33.94
C ILE B 192 8.97 -3.30 33.97
N GLY B 193 9.71 -2.45 33.28
CA GLY B 193 11.15 -2.64 33.18
C GLY B 193 11.83 -2.47 34.52
N GLU B 194 12.66 -3.46 34.88
CA GLU B 194 13.50 -3.39 36.08
C GLU B 194 14.97 -3.27 35.74
N ALA B 195 15.47 -4.10 34.83
CA ALA B 195 16.80 -3.94 34.26
C ALA B 195 16.78 -2.99 33.06
N VAL B 196 15.64 -2.36 32.79
CA VAL B 196 15.49 -1.46 31.66
C VAL B 196 14.38 -0.47 32.00
N LYS B 197 14.31 0.61 31.23
CA LYS B 197 13.31 1.65 31.45
C LYS B 197 12.17 1.45 30.47
N THR B 198 10.95 1.26 30.99
CA THR B 198 9.77 1.07 30.17
C THR B 198 8.79 2.24 30.26
N GLN B 199 9.09 3.26 31.03
CA GLN B 199 8.25 4.44 31.14
C GLN B 199 8.90 5.59 30.38
N PHE B 200 8.14 6.18 29.44
CA PHE B 200 8.66 7.21 28.58
C PHE B 200 7.85 8.49 28.73
N ASN B 201 8.47 9.59 28.30
CA ASN B 201 7.76 10.85 28.07
C ASN B 201 7.21 10.85 26.67
N TYR B 202 5.98 11.35 26.51
CA TYR B 202 5.30 11.34 25.24
C TYR B 202 5.06 12.76 24.74
N TYR B 203 5.26 12.97 23.44
CA TYR B 203 5.06 14.25 22.79
C TYR B 203 4.39 14.01 21.45
N LYS B 204 3.62 15.00 20.99
CA LYS B 204 2.89 14.86 19.74
C LYS B 204 2.80 16.19 19.02
N LYS B 205 2.94 16.14 17.69
CA LYS B 205 2.81 17.31 16.84
C LYS B 205 1.73 17.05 15.79
N VAL B 206 0.91 18.07 15.54
CA VAL B 206 -0.14 18.01 14.53
C VAL B 206 0.00 19.24 13.66
N ASP B 207 0.39 19.05 12.40
CA ASP B 207 0.57 20.14 11.44
C ASP B 207 1.57 21.16 11.96
N GLY B 208 2.74 20.66 12.37
CA GLY B 208 3.80 21.51 12.86
C GLY B 208 3.55 22.13 14.22
N VAL B 209 2.42 21.85 14.86
CA VAL B 209 2.05 22.44 16.13
C VAL B 209 2.06 21.37 17.20
N VAL B 210 2.79 21.62 18.29
CA VAL B 210 2.82 20.69 19.41
C VAL B 210 1.47 20.71 20.11
N GLN B 211 0.96 19.52 20.44
CA GLN B 211 -0.31 19.36 21.14
C GLN B 211 -0.05 18.84 22.54
N GLN B 212 -0.73 19.44 23.52
CA GLN B 212 -0.70 18.91 24.87
C GLN B 212 -1.53 17.64 24.94
N LEU B 213 -0.92 16.55 25.38
CA LEU B 213 -1.64 15.31 25.52
C LEU B 213 -2.57 15.38 26.73
N PRO B 214 -3.74 14.73 26.64
CA PRO B 214 -4.73 14.89 27.71
C PRO B 214 -4.36 14.13 28.97
N GLU B 215 -4.86 14.63 30.10
CA GLU B 215 -4.77 13.91 31.36
C GLU B 215 -5.56 12.62 31.26
N THR B 216 -4.87 11.49 31.33
CA THR B 216 -5.47 10.21 30.96
C THR B 216 -5.19 9.16 32.03
N TYR B 217 -6.03 8.11 32.00
CA TYR B 217 -5.76 6.87 32.71
C TYR B 217 -4.99 5.93 31.79
N PHE B 218 -4.50 4.84 32.38
CA PHE B 218 -3.78 3.81 31.64
C PHE B 218 -4.28 2.44 32.03
N THR B 219 -4.39 1.55 31.04
CA THR B 219 -4.77 0.18 31.29
C THR B 219 -3.57 -0.64 31.76
N GLN B 220 -3.84 -1.70 32.51
CA GLN B 220 -2.78 -2.47 33.15
C GLN B 220 -2.15 -3.50 32.23
N SER B 221 -2.84 -3.88 31.14
CA SER B 221 -2.27 -4.77 30.12
C SER B 221 -1.89 -6.13 30.68
N ARG B 222 -2.58 -6.58 31.73
CA ARG B 222 -2.39 -7.93 32.22
C ARG B 222 -3.23 -8.89 31.40
N ASN B 223 -2.96 -10.19 31.56
CA ASN B 223 -3.72 -11.22 30.88
C ASN B 223 -4.31 -12.18 31.91
N LEU B 224 -5.11 -13.13 31.42
CA LEU B 224 -5.97 -13.90 32.29
C LEU B 224 -5.17 -14.93 33.10
N GLN B 225 -4.40 -15.78 32.42
CA GLN B 225 -3.76 -16.90 33.10
C GLN B 225 -2.73 -16.42 34.12
N GLU B 226 -1.81 -15.55 33.70
CA GLU B 226 -0.82 -14.96 34.60
C GLU B 226 -1.31 -13.56 34.96
N PHE B 227 -1.79 -13.41 36.19
CA PHE B 227 -2.42 -12.18 36.63
C PHE B 227 -2.04 -11.92 38.08
N LYS B 228 -1.43 -10.76 38.33
CA LYS B 228 -1.02 -10.37 39.67
C LYS B 228 -1.69 -9.06 40.06
N PRO B 229 -2.27 -8.97 41.24
CA PRO B 229 -2.85 -7.69 41.68
C PRO B 229 -1.77 -6.66 41.92
N ARG B 230 -2.17 -5.39 41.82
CA ARG B 230 -1.24 -4.28 41.93
C ARG B 230 -1.69 -3.24 42.96
N SER B 231 -2.62 -3.60 43.84
CA SER B 231 -3.05 -2.69 44.89
C SER B 231 -3.68 -3.51 46.01
N GLN B 232 -3.77 -2.89 47.19
CA GLN B 232 -4.42 -3.55 48.32
C GLN B 232 -5.88 -3.82 48.02
N MET B 233 -6.55 -2.89 47.34
CA MET B 233 -7.93 -3.11 46.94
C MET B 233 -8.05 -4.31 46.01
N GLU B 234 -7.15 -4.41 45.04
CA GLU B 234 -7.13 -5.58 44.16
C GLU B 234 -6.78 -6.84 44.94
N ILE B 235 -5.83 -6.74 45.87
CA ILE B 235 -5.52 -7.88 46.73
C ILE B 235 -6.74 -8.29 47.53
N ASP B 236 -7.46 -7.32 48.09
CA ASP B 236 -8.67 -7.63 48.85
C ASP B 236 -9.74 -8.22 47.96
N PHE B 237 -9.88 -7.71 46.73
CA PHE B 237 -10.93 -8.19 45.84
C PHE B 237 -10.79 -9.68 45.56
N LEU B 238 -9.56 -10.18 45.48
CA LEU B 238 -9.34 -11.57 45.13
C LEU B 238 -9.55 -12.50 46.31
N GLU B 239 -9.36 -12.00 47.54
CA GLU B 239 -9.51 -12.84 48.72
C GLU B 239 -10.84 -12.64 49.45
N LEU B 240 -11.42 -11.46 49.38
CA LEU B 240 -12.67 -11.19 50.10
C LEU B 240 -13.86 -11.68 49.32
N ALA B 241 -14.92 -12.03 50.06
CA ALA B 241 -16.19 -12.37 49.43
C ALA B 241 -16.84 -11.12 48.83
N MET B 242 -17.82 -11.35 47.96
CA MET B 242 -18.46 -10.26 47.24
C MET B 242 -19.10 -9.27 48.21
N ASP B 243 -19.82 -9.78 49.22
CA ASP B 243 -20.53 -8.91 50.14
C ASP B 243 -19.57 -8.18 51.08
N GLU B 244 -18.55 -8.88 51.58
CA GLU B 244 -17.64 -8.25 52.53
C GLU B 244 -16.68 -7.28 51.85
N PHE B 245 -16.37 -7.50 50.57
CA PHE B 245 -15.52 -6.55 49.86
C PHE B 245 -16.27 -5.25 49.59
N ILE B 246 -17.54 -5.35 49.17
CA ILE B 246 -18.36 -4.16 48.95
C ILE B 246 -18.54 -3.39 50.25
N GLU B 247 -18.58 -4.10 51.38
CA GLU B 247 -18.76 -3.43 52.67
C GLU B 247 -17.51 -2.66 53.05
N ARG B 248 -16.33 -3.28 52.90
CA ARG B 248 -15.10 -2.61 53.34
C ARG B 248 -14.82 -1.36 52.52
N TYR B 249 -15.23 -1.34 51.25
CA TYR B 249 -14.94 -0.21 50.37
C TYR B 249 -16.18 0.62 50.05
N LYS B 250 -17.30 0.36 50.71
CA LYS B 250 -18.51 1.17 50.60
C LYS B 250 -18.95 1.34 49.14
N LEU B 251 -19.44 0.23 48.58
CA LEU B 251 -19.83 0.18 47.19
C LEU B 251 -21.30 -0.24 47.02
N GLU B 252 -22.13 0.07 48.00
CA GLU B 252 -23.54 -0.26 47.90
C GLU B 252 -24.23 0.63 46.88
N GLY B 253 -25.13 0.03 46.10
CA GLY B 253 -25.85 0.78 45.09
C GLY B 253 -25.02 1.15 43.87
N TYR B 254 -23.87 0.51 43.68
CA TYR B 254 -23.00 0.77 42.53
C TYR B 254 -22.94 -0.39 41.55
N ALA B 255 -23.73 -1.45 41.78
CA ALA B 255 -23.84 -2.56 40.84
C ALA B 255 -22.51 -3.25 40.59
N PHE B 256 -21.66 -3.34 41.62
CA PHE B 256 -20.42 -4.07 41.48
C PHE B 256 -20.67 -5.55 41.25
N GLU B 257 -21.74 -6.09 41.83
CA GLU B 257 -22.07 -7.50 41.63
C GLU B 257 -22.34 -7.79 40.16
N HIS B 258 -22.93 -6.84 39.45
CA HIS B 258 -23.22 -7.00 38.03
C HIS B 258 -22.05 -6.59 37.15
N ILE B 259 -21.49 -5.40 37.41
CA ILE B 259 -20.47 -4.84 36.52
C ILE B 259 -19.17 -5.64 36.64
N VAL B 260 -18.75 -5.94 37.87
CA VAL B 260 -17.44 -6.54 38.10
C VAL B 260 -17.54 -8.03 38.38
N TYR B 261 -18.48 -8.44 39.23
CA TYR B 261 -18.59 -9.85 39.57
C TYR B 261 -19.30 -10.65 38.47
N GLY B 262 -20.35 -10.10 37.90
CA GLY B 262 -21.04 -10.78 36.81
C GLY B 262 -22.22 -11.61 37.30
N ASP B 263 -23.21 -11.73 36.43
CA ASP B 263 -24.42 -12.51 36.70
C ASP B 263 -24.42 -13.75 35.82
N PHE B 264 -24.70 -14.90 36.41
CA PHE B 264 -24.71 -16.18 35.70
C PHE B 264 -26.05 -16.91 35.84
N SER B 265 -27.05 -16.28 36.45
CA SER B 265 -28.33 -16.93 36.65
C SER B 265 -29.20 -16.93 35.40
N HIS B 266 -28.85 -16.15 34.37
CA HIS B 266 -29.66 -16.04 33.16
C HIS B 266 -28.85 -16.47 31.95
N SER B 267 -29.57 -16.66 30.84
CA SER B 267 -28.94 -17.12 29.61
C SER B 267 -27.95 -16.10 29.08
N GLN B 268 -28.36 -14.83 29.00
CA GLN B 268 -27.43 -13.78 28.61
C GLN B 268 -26.57 -13.40 29.82
N LEU B 269 -25.26 -13.41 29.61
CA LEU B 269 -24.34 -13.15 30.71
C LEU B 269 -24.46 -11.71 31.17
N GLY B 270 -24.56 -11.52 32.49
CA GLY B 270 -24.77 -10.20 33.04
C GLY B 270 -23.50 -9.48 33.42
N GLY B 271 -23.23 -8.36 32.75
CA GLY B 271 -22.13 -7.50 33.17
C GLY B 271 -20.77 -8.11 32.89
N LEU B 272 -19.92 -8.12 33.91
CA LEU B 272 -18.55 -8.63 33.82
C LEU B 272 -17.75 -7.87 32.78
N HIS B 273 -17.26 -6.68 33.15
CA HIS B 273 -16.54 -5.83 32.22
C HIS B 273 -15.13 -5.45 32.69
N LEU B 274 -14.71 -5.91 33.87
CA LEU B 274 -13.37 -5.65 34.38
C LEU B 274 -12.55 -6.93 34.34
N LEU B 275 -11.30 -6.81 33.89
CA LEU B 275 -10.47 -8.00 33.69
C LEU B 275 -10.20 -8.72 35.01
N ILE B 276 -9.99 -7.97 36.09
CA ILE B 276 -9.73 -8.59 37.38
C ILE B 276 -10.92 -9.43 37.81
N GLY B 277 -12.13 -9.04 37.42
CA GLY B 277 -13.28 -9.88 37.67
C GLY B 277 -13.23 -11.19 36.91
N LEU B 278 -12.75 -11.14 35.66
CA LEU B 278 -12.58 -12.36 34.89
C LEU B 278 -11.53 -13.28 35.51
N ALA B 279 -10.44 -12.69 36.01
CA ALA B 279 -9.38 -13.51 36.59
C ALA B 279 -9.85 -14.23 37.83
N LYS B 280 -10.71 -13.59 38.62
CA LYS B 280 -11.20 -14.23 39.84
C LYS B 280 -12.08 -15.42 39.53
N ARG B 281 -12.87 -15.34 38.45
CA ARG B 281 -13.74 -16.44 38.06
C ARG B 281 -12.96 -17.57 37.40
N PHE B 282 -11.96 -17.23 36.57
CA PHE B 282 -11.22 -18.25 35.85
C PHE B 282 -10.49 -19.20 36.80
N LYS B 283 -10.04 -18.69 37.95
CA LYS B 283 -9.40 -19.56 38.93
C LYS B 283 -10.41 -20.50 39.58
N GLU B 284 -11.68 -20.10 39.64
CA GLU B 284 -12.73 -20.92 40.22
C GLU B 284 -13.38 -21.83 39.18
N SER B 285 -13.75 -21.29 38.04
CA SER B 285 -14.43 -22.03 36.99
C SER B 285 -13.90 -21.58 35.64
N PRO B 286 -13.65 -22.51 34.72
CA PRO B 286 -13.18 -22.12 33.38
C PRO B 286 -14.30 -21.58 32.53
N PHE B 287 -13.91 -21.01 31.39
CA PHE B 287 -14.85 -20.47 30.41
C PHE B 287 -14.09 -20.21 29.13
N GLU B 288 -14.85 -19.97 28.05
CA GLU B 288 -14.28 -19.75 26.73
C GLU B 288 -14.39 -18.27 26.37
N LEU B 289 -13.32 -17.73 25.79
CA LEU B 289 -13.28 -16.35 25.31
C LEU B 289 -12.91 -16.35 23.84
N GLU B 290 -13.84 -15.92 22.99
CA GLU B 290 -13.63 -15.79 21.55
C GLU B 290 -13.25 -14.35 21.25
N ASP B 291 -11.99 -14.13 20.89
CA ASP B 291 -11.50 -12.80 20.53
C ASP B 291 -11.75 -12.60 19.04
N PHE B 292 -13.01 -12.29 18.72
CA PHE B 292 -13.40 -12.18 17.31
C PHE B 292 -12.76 -11.00 16.60
N ILE B 293 -12.13 -10.09 17.34
CA ILE B 293 -11.29 -9.05 16.74
C ILE B 293 -9.92 -9.16 17.38
N PRO B 294 -9.06 -10.07 16.91
CA PRO B 294 -7.76 -10.28 17.55
C PRO B 294 -6.77 -9.16 17.25
N MET B 295 -6.78 -8.11 18.08
CA MET B 295 -5.85 -7.01 17.94
C MET B 295 -5.67 -6.36 19.30
N ASP B 296 -4.64 -5.52 19.39
CA ASP B 296 -4.33 -4.82 20.62
C ASP B 296 -5.12 -3.51 20.65
N SER B 297 -6.01 -3.39 21.63
CA SER B 297 -6.81 -2.17 21.78
C SER B 297 -7.09 -1.96 23.26
N THR B 298 -7.41 -0.71 23.60
CA THR B 298 -7.67 -0.36 24.99
C THR B 298 -8.84 -1.16 25.56
N VAL B 299 -9.93 -1.24 24.81
CA VAL B 299 -11.10 -2.03 25.19
C VAL B 299 -11.17 -3.25 24.29
N LYS B 300 -11.30 -4.43 24.90
CA LYS B 300 -11.36 -5.68 24.17
C LYS B 300 -12.76 -6.28 24.25
N ASN B 301 -13.26 -6.75 23.11
CA ASN B 301 -14.58 -7.38 23.03
C ASN B 301 -14.41 -8.88 22.90
N TYR B 302 -15.17 -9.63 23.69
CA TYR B 302 -15.09 -11.08 23.70
C TYR B 302 -16.48 -11.70 23.65
N PHE B 303 -16.58 -12.82 22.93
CA PHE B 303 -17.74 -13.71 22.98
C PHE B 303 -17.45 -14.75 24.05
N ILE B 304 -18.21 -14.72 25.14
CA ILE B 304 -17.90 -15.50 26.33
C ILE B 304 -19.00 -16.52 26.58
N THR B 305 -18.59 -17.73 26.97
CA THR B 305 -19.50 -18.79 27.38
C THR B 305 -18.97 -19.41 28.68
N ASP B 306 -19.80 -19.47 29.71
CA ASP B 306 -19.41 -20.03 31.00
C ASP B 306 -19.59 -21.55 30.98
N ALA B 307 -18.54 -22.27 31.41
CA ALA B 307 -18.57 -23.72 31.33
C ALA B 307 -19.51 -24.35 32.35
N GLN B 308 -19.73 -23.66 33.48
CA GLN B 308 -20.57 -24.24 34.53
C GLN B 308 -22.05 -23.96 34.26
N THR B 309 -22.43 -22.68 34.24
CA THR B 309 -23.84 -22.33 34.17
C THR B 309 -24.39 -22.43 32.75
N GLY B 310 -23.58 -22.06 31.77
CA GLY B 310 -24.07 -21.92 30.41
C GLY B 310 -24.43 -20.51 30.02
N SER B 311 -24.22 -19.54 30.91
CA SER B 311 -24.49 -18.15 30.56
C SER B 311 -23.54 -17.68 29.48
N SER B 312 -24.03 -16.82 28.58
CA SER B 312 -23.21 -16.38 27.47
C SER B 312 -23.64 -14.99 27.02
N LYS B 313 -22.71 -14.30 26.37
CA LYS B 313 -23.00 -13.00 25.78
C LYS B 313 -22.13 -12.84 24.54
N CYS B 314 -22.75 -12.41 23.44
CA CYS B 314 -22.04 -12.31 22.16
C CYS B 314 -20.98 -11.22 22.20
N VAL B 315 -21.30 -10.08 22.79
CA VAL B 315 -20.37 -8.94 22.86
C VAL B 315 -20.25 -8.54 24.32
N CYS B 316 -19.08 -8.81 24.91
CA CYS B 316 -18.79 -8.45 26.29
C CYS B 316 -17.55 -7.57 26.31
N SER B 317 -17.75 -6.28 26.56
CA SER B 317 -16.64 -5.33 26.58
C SER B 317 -15.84 -5.49 27.87
N VAL B 318 -14.53 -5.67 27.73
CA VAL B 318 -13.64 -5.84 28.87
C VAL B 318 -12.50 -4.84 28.76
N ILE B 319 -12.03 -4.37 29.91
CA ILE B 319 -10.92 -3.43 29.98
C ILE B 319 -10.12 -3.73 31.25
N ASP B 320 -8.80 -3.60 31.15
CA ASP B 320 -7.89 -3.90 32.25
C ASP B 320 -7.46 -2.61 32.94
N LEU B 321 -8.37 -2.06 33.74
CA LEU B 321 -8.05 -0.92 34.58
C LEU B 321 -7.76 -1.39 36.00
N LEU B 322 -6.91 -0.62 36.69
CA LEU B 322 -6.72 -0.87 38.11
C LEU B 322 -8.03 -0.64 38.85
N LEU B 323 -8.31 -1.52 39.82
CA LEU B 323 -9.60 -1.47 40.50
C LEU B 323 -9.80 -0.13 41.21
N ASP B 324 -8.72 0.41 41.79
CA ASP B 324 -8.83 1.69 42.47
C ASP B 324 -9.23 2.80 41.51
N ASP B 325 -8.71 2.76 40.28
CA ASP B 325 -9.09 3.76 39.28
C ASP B 325 -10.56 3.64 38.92
N PHE B 326 -11.03 2.42 38.66
CA PHE B 326 -12.43 2.23 38.30
C PHE B 326 -13.35 2.65 39.44
N VAL B 327 -12.94 2.44 40.68
CA VAL B 327 -13.72 2.90 41.82
C VAL B 327 -13.77 4.43 41.83
N GLU B 328 -12.63 5.07 41.60
CA GLU B 328 -12.59 6.54 41.56
C GLU B 328 -13.43 7.07 40.41
N ILE B 329 -13.44 6.36 39.28
CA ILE B 329 -14.18 6.84 38.10
C ILE B 329 -15.68 6.77 38.35
N ILE B 330 -16.17 5.59 38.74
CA ILE B 330 -17.61 5.39 38.86
C ILE B 330 -18.22 6.19 40.00
N LYS B 331 -17.42 6.58 41.00
CA LYS B 331 -17.94 7.31 42.13
C LYS B 331 -18.05 8.81 41.89
N SER B 332 -17.47 9.33 40.81
CA SER B 332 -17.55 10.74 40.47
C SER B 332 -18.66 11.05 39.47
N GLN B 333 -19.59 10.11 39.27
CA GLN B 333 -20.66 10.27 38.32
C GLN B 333 -21.95 10.71 39.02
N ASP B 334 -22.88 11.22 38.21
CA ASP B 334 -24.18 11.68 38.70
C ASP B 334 -25.23 10.62 38.39
N LEU B 335 -25.85 10.08 39.44
CA LEU B 335 -26.78 8.96 39.32
C LEU B 335 -28.22 9.40 39.15
N SER B 336 -28.47 10.66 38.78
CA SER B 336 -29.83 11.18 38.65
C SER B 336 -30.39 11.05 37.24
N VAL B 337 -29.67 10.38 36.33
CA VAL B 337 -30.09 10.25 34.94
C VAL B 337 -30.28 8.76 34.64
N VAL B 338 -31.33 8.46 33.86
CA VAL B 338 -31.62 7.07 33.54
C VAL B 338 -30.55 6.49 32.62
N SER B 339 -30.12 7.26 31.62
CA SER B 339 -29.08 6.81 30.69
C SER B 339 -28.22 8.01 30.32
N LYS B 340 -26.90 7.83 30.36
CA LYS B 340 -25.98 8.91 30.05
C LYS B 340 -24.76 8.35 29.36
N VAL B 341 -24.23 9.10 28.41
CA VAL B 341 -22.98 8.76 27.74
C VAL B 341 -21.84 9.49 28.45
N VAL B 342 -20.81 8.75 28.84
CA VAL B 342 -19.71 9.28 29.63
C VAL B 342 -18.41 9.09 28.87
N LYS B 343 -17.76 10.20 28.55
CA LYS B 343 -16.45 10.18 27.90
C LYS B 343 -15.36 10.13 28.96
N VAL B 344 -14.44 9.18 28.83
CA VAL B 344 -13.32 9.03 29.75
C VAL B 344 -12.04 8.88 28.94
N THR B 345 -11.02 9.64 29.30
CA THR B 345 -9.73 9.58 28.62
C THR B 345 -8.92 8.42 29.20
N ILE B 346 -8.70 7.39 28.39
CA ILE B 346 -7.90 6.23 28.80
C ILE B 346 -6.94 5.90 27.67
N ASP B 347 -5.67 5.74 28.00
CA ASP B 347 -4.62 5.47 27.01
C ASP B 347 -4.63 6.54 25.92
N TYR B 348 -4.77 7.81 26.35
CA TYR B 348 -4.75 8.98 25.49
C TYR B 348 -5.93 9.05 24.52
N THR B 349 -6.98 8.28 24.75
CA THR B 349 -8.15 8.31 23.89
C THR B 349 -9.43 8.36 24.72
N GLU B 350 -10.47 8.95 24.13
CA GLU B 350 -11.76 9.06 24.81
C GLU B 350 -12.50 7.75 24.73
N ILE B 351 -12.82 7.16 25.87
CA ILE B 351 -13.60 5.94 25.95
C ILE B 351 -15.02 6.29 26.37
N SER B 352 -15.99 5.82 25.60
CA SER B 352 -17.40 6.10 25.89
C SER B 352 -17.99 4.99 26.74
N PHE B 353 -18.75 5.39 27.76
CA PHE B 353 -19.38 4.47 28.68
C PHE B 353 -20.89 4.67 28.67
N MET B 354 -21.63 3.59 28.82
CA MET B 354 -23.07 3.63 29.01
C MET B 354 -23.37 3.55 30.50
N LEU B 355 -24.18 4.48 31.00
CA LEU B 355 -24.49 4.59 32.42
C LEU B 355 -26.00 4.47 32.59
N TRP B 356 -26.46 3.32 33.06
CA TRP B 356 -27.87 3.09 33.37
C TRP B 356 -28.07 3.18 34.87
N CYS B 357 -29.07 3.95 35.29
CA CYS B 357 -29.34 4.18 36.70
C CYS B 357 -30.83 4.05 36.97
N LYS B 358 -31.16 3.86 38.25
CA LYS B 358 -32.55 3.79 38.69
C LYS B 358 -32.61 4.12 40.16
N ASP B 359 -33.36 5.16 40.53
CA ASP B 359 -33.53 5.59 41.91
C ASP B 359 -32.20 5.93 42.56
N GLY B 360 -31.40 6.74 41.87
CA GLY B 360 -30.14 7.19 42.41
C GLY B 360 -29.14 6.09 42.67
N HIS B 361 -29.28 4.96 41.99
CA HIS B 361 -28.37 3.83 42.14
C HIS B 361 -27.95 3.34 40.76
N VAL B 362 -26.70 2.89 40.67
CA VAL B 362 -26.17 2.38 39.41
C VAL B 362 -26.85 1.05 39.08
N GLU B 363 -27.20 0.87 37.81
CA GLU B 363 -27.70 -0.40 37.31
C GLU B 363 -26.63 -1.16 36.53
N THR B 364 -26.04 -0.52 35.52
CA THR B 364 -24.88 -1.06 34.84
C THR B 364 -24.08 0.08 34.25
N PHE B 365 -22.79 -0.17 34.04
CA PHE B 365 -21.86 0.86 33.59
C PHE B 365 -20.75 0.16 32.82
N TYR B 366 -20.92 0.04 31.50
CA TYR B 366 -20.00 -0.74 30.73
C TYR B 366 -19.31 0.11 29.66
N PRO B 367 -18.07 -0.21 29.32
CA PRO B 367 -17.39 0.50 28.23
C PRO B 367 -17.90 0.02 26.88
N LYS B 368 -17.53 0.77 25.84
CA LYS B 368 -17.92 0.44 24.48
C LYS B 368 -16.72 0.57 23.56
N LEU B 369 -16.65 -0.29 22.55
CA LEU B 369 -15.55 -0.27 21.61
C LEU B 369 -15.99 0.30 20.26
#